data_7KE1
#
_entry.id   7KE1
#
_cell.length_a   67.771
_cell.length_b   97.260
_cell.length_c   70.472
_cell.angle_alpha   90.000
_cell.angle_beta   90.373
_cell.angle_gamma   90.000
#
_symmetry.space_group_name_H-M   'P 1 21 1'
#
loop_
_entity.id
_entity.type
_entity.pdbx_description
1 polymer 'Immunoglobulin gamma, kappa light chain'
2 polymer 'Immunoglobulin gamma, heavy chain Fd fragment'
3 non-polymer 'SULFATE ION'
4 non-polymer 'SODIUM ION'
5 non-polymer 'LITHIUM ION'
6 non-polymer 'CHLORIDE ION'
7 water water
#
loop_
_entity_poly.entity_id
_entity_poly.type
_entity_poly.pdbx_seq_one_letter_code
_entity_poly.pdbx_strand_id
1 'polypeptide(L)'
;AEIVLTQSPGTLSLSPGERATLSCRASQSFSSFSLAWYQQKPGQAPRLLIYAPSNRATGIADRFSGSGSGTDFTLTISRL
EPEDFAVYYCQQYGSSPITFGQGTRLEIKRTVAAPSVFIFPPSDEQLKSGTASVVCLLNNFYPREAKVQWKVDNALQSGN
SQESVTEQDSKDSTYSLSSTLTLSKADYEKHKLYACEVTHQGLSSPVTKSFNRGECS
;
B,D
2 'polypeptide(L)'
;QVQLVESGGGLVQPGGSLRLSCVTSGFTFRSYAMTWVRQAPGKGLEWVSSISHSGGSTKYADSVKGRLTISRDDSMDTLY
LQMNSLRAEDTAIYYCAKDQISYPAASPLDYWGRGTLVTVSSASTKGPSVFPLAPSSKSTSGGTAALGCLVKDYFPEPVT
VSWNSGALTSGVHTFPAVLQSSGLYSLSSVVTVPSSSLGTQTYICNVNHKPSNTKVDKKVEPKSCDKLEHHHHHH
;
A,C
#
loop_
_chem_comp.id
_chem_comp.type
_chem_comp.name
_chem_comp.formula
CL non-polymer 'CHLORIDE ION' 'Cl -1'
LI non-polymer 'LITHIUM ION' 'Li 1'
NA non-polymer 'SODIUM ION' 'Na 1'
SO4 non-polymer 'SULFATE ION' 'O4 S -2'
#
# COMPACT_ATOMS: atom_id res chain seq x y z
N GLU A 2 14.52 -33.70 -5.19
CA GLU A 2 13.44 -32.72 -5.10
C GLU A 2 12.22 -33.19 -5.92
N ILE A 3 11.06 -32.61 -5.65
CA ILE A 3 9.86 -32.90 -6.43
C ILE A 3 9.81 -31.96 -7.62
N VAL A 4 9.90 -32.52 -8.82
CA VAL A 4 9.79 -31.73 -10.03
C VAL A 4 8.31 -31.59 -10.35
N LEU A 5 7.89 -30.37 -10.67
CA LEU A 5 6.52 -30.08 -11.09
C LEU A 5 6.54 -29.59 -12.52
N THR A 6 5.83 -30.28 -13.41
CA THR A 6 5.75 -29.88 -14.80
C THR A 6 4.32 -29.57 -15.16
N GLN A 7 4.10 -28.38 -15.65
CA GLN A 7 2.78 -27.91 -16.03
C GLN A 7 2.55 -28.09 -17.51
N SER A 8 1.29 -28.27 -17.87
CA SER A 8 0.91 -28.42 -19.25
C SER A 8 -0.50 -27.90 -19.46
N PRO A 9 -0.80 -27.39 -20.64
CA PRO A 9 0.18 -27.06 -21.67
C PRO A 9 1.02 -25.86 -21.27
N GLY A 10 2.09 -25.58 -22.03
CA GLY A 10 2.86 -24.39 -21.76
C GLY A 10 2.06 -23.12 -21.98
N THR A 11 1.21 -23.11 -23.03
CA THR A 11 0.32 -22.00 -23.34
C THR A 11 -1.05 -22.57 -23.67
N LEU A 12 -2.09 -21.99 -23.09
CA LEU A 12 -3.45 -22.42 -23.28
C LEU A 12 -4.22 -21.23 -23.81
N SER A 13 -4.81 -21.37 -25.00
CA SER A 13 -5.51 -20.29 -25.66
C SER A 13 -7.00 -20.60 -25.67
N LEU A 14 -7.78 -19.80 -24.95
CA LEU A 14 -9.20 -20.04 -24.78
C LEU A 14 -9.99 -18.75 -24.88
N SER A 15 -11.24 -18.89 -25.31
CA SER A 15 -12.06 -17.70 -25.36
CA SER A 15 -12.14 -17.75 -25.40
C SER A 15 -12.72 -17.43 -24.02
N PRO A 16 -13.01 -16.17 -23.75
CA PRO A 16 -13.80 -15.83 -22.57
C PRO A 16 -15.08 -16.64 -22.60
N GLY A 17 -15.54 -17.00 -21.41
CA GLY A 17 -16.70 -17.88 -21.28
C GLY A 17 -16.39 -19.36 -21.28
N GLU A 18 -15.21 -19.75 -21.75
CA GLU A 18 -14.82 -21.14 -21.78
C GLU A 18 -14.24 -21.57 -20.44
N ARG A 19 -14.14 -22.88 -20.26
CA ARG A 19 -13.56 -23.49 -19.07
C ARG A 19 -12.11 -23.85 -19.35
N ALA A 20 -11.21 -23.45 -18.46
CA ALA A 20 -9.80 -23.74 -18.58
C ALA A 20 -9.44 -24.90 -17.66
N THR A 21 -8.62 -25.82 -18.18
CA THR A 21 -8.11 -26.95 -17.42
C THR A 21 -6.58 -26.87 -17.49
N LEU A 22 -5.93 -26.57 -16.37
CA LEU A 22 -4.48 -26.42 -16.28
C LEU A 22 -3.94 -27.57 -15.48
N SER A 23 -2.87 -28.20 -15.97
CA SER A 23 -2.37 -29.40 -15.33
CA SER A 23 -2.35 -29.42 -15.37
C SER A 23 -1.00 -29.17 -14.68
N CYS A 24 -0.80 -29.85 -13.56
CA CYS A 24 0.46 -29.84 -12.83
C CYS A 24 0.78 -31.27 -12.46
N ARG A 25 1.91 -31.76 -12.93
CA ARG A 25 2.29 -33.14 -12.73
C ARG A 25 3.60 -33.22 -11.95
N ALA A 26 3.64 -34.11 -10.96
CA ALA A 26 4.77 -34.23 -10.05
C ALA A 26 5.58 -35.50 -10.29
N SER A 27 6.90 -35.39 -10.09
CA SER A 27 7.81 -36.52 -10.25
C SER A 27 7.72 -37.54 -9.11
N GLN A 28 7.08 -37.19 -8.02
CA GLN A 28 6.86 -38.08 -6.88
C GLN A 28 5.47 -37.77 -6.38
N SER A 29 4.75 -38.79 -5.93
CA SER A 29 3.41 -38.60 -5.41
CA SER A 29 3.40 -38.57 -5.41
C SER A 29 3.47 -37.81 -4.09
N PHE A 30 2.51 -36.91 -3.90
CA PHE A 30 2.43 -36.15 -2.66
C PHE A 30 0.99 -35.70 -2.44
N SER A 31 0.75 -35.16 -1.25
CA SER A 31 -0.61 -34.85 -0.83
C SER A 31 -1.14 -33.56 -1.45
N SER A 32 -2.42 -33.60 -1.86
CA SER A 32 -3.14 -32.41 -2.30
C SER A 32 -3.12 -31.30 -1.26
N PHE A 33 -2.94 -31.65 0.00
CA PHE A 33 -2.93 -30.62 1.03
C PHE A 33 -1.62 -29.86 1.06
N SER A 34 -0.67 -30.19 0.19
CA SER A 34 0.63 -29.53 0.14
CA SER A 34 0.62 -29.50 0.15
C SER A 34 0.84 -28.75 -1.15
N LEU A 35 -0.23 -28.46 -1.90
CA LEU A 35 -0.13 -27.81 -3.19
C LEU A 35 -0.79 -26.44 -3.14
N ALA A 36 -0.17 -25.47 -3.79
CA ALA A 36 -0.78 -24.16 -3.98
C ALA A 36 -0.64 -23.72 -5.43
N TRP A 37 -1.54 -22.85 -5.86
CA TRP A 37 -1.46 -22.24 -7.17
C TRP A 37 -1.38 -20.73 -7.02
N TYR A 38 -0.64 -20.08 -7.95
CA TYR A 38 -0.44 -18.63 -8.01
C TYR A 38 -0.75 -18.11 -9.40
N GLN A 39 -1.24 -16.89 -9.44
CA GLN A 39 -1.56 -16.19 -10.68
C GLN A 39 -0.63 -15.01 -10.79
N GLN A 40 -0.01 -14.81 -11.95
CA GLN A 40 0.89 -13.67 -12.16
C GLN A 40 0.51 -12.96 -13.44
N LYS A 41 0.19 -11.72 -13.33
CA LYS A 41 -0.03 -10.85 -14.49
C LYS A 41 1.21 -10.02 -14.81
N PRO A 42 1.40 -9.56 -16.05
CA PRO A 42 2.67 -8.90 -16.37
C PRO A 42 2.93 -7.67 -15.52
N GLY A 43 4.18 -7.56 -15.07
CA GLY A 43 4.62 -6.44 -14.26
C GLY A 43 4.16 -6.48 -12.84
N GLN A 44 3.50 -7.55 -12.42
CA GLN A 44 3.03 -7.70 -11.06
C GLN A 44 3.64 -8.93 -10.42
N ALA A 45 3.57 -8.97 -9.11
CA ALA A 45 4.01 -10.17 -8.43
C ALA A 45 2.97 -11.25 -8.54
N PRO A 46 3.38 -12.52 -8.41
CA PRO A 46 2.38 -13.58 -8.23
C PRO A 46 1.44 -13.26 -7.08
N ARG A 47 0.22 -13.79 -7.17
CA ARG A 47 -0.79 -13.70 -6.10
C ARG A 47 -1.31 -15.11 -5.79
N LEU A 48 -1.41 -15.45 -4.55
CA LEU A 48 -2.00 -16.73 -4.15
C LEU A 48 -3.43 -16.86 -4.67
N LEU A 49 -3.71 -18.00 -5.30
CA LEU A 49 -4.99 -18.27 -5.92
C LEU A 49 -5.80 -19.27 -5.11
N ILE A 50 -5.41 -20.55 -5.10
CA ILE A 50 -6.07 -21.58 -4.31
C ILE A 50 -4.98 -22.43 -3.69
N TYR A 51 -5.35 -23.19 -2.64
CA TYR A 51 -4.36 -23.99 -1.95
C TYR A 51 -4.99 -25.06 -1.07
N ALA A 52 -4.33 -26.21 -1.00
CA ALA A 52 -4.43 -27.17 0.11
C ALA A 52 -5.83 -27.70 0.41
N PRO A 53 -6.56 -28.20 -0.57
CA PRO A 53 -6.26 -28.28 -2.00
C PRO A 53 -6.96 -27.22 -2.82
N SER A 54 -8.08 -26.70 -2.31
CA SER A 54 -8.90 -25.80 -3.12
C SER A 54 -9.49 -24.68 -2.27
N ASN A 55 -8.86 -24.34 -1.14
CA ASN A 55 -9.21 -23.13 -0.42
C ASN A 55 -8.85 -21.93 -1.27
N ARG A 56 -9.72 -20.92 -1.32
CA ARG A 56 -9.48 -19.74 -2.14
C ARG A 56 -8.90 -18.63 -1.28
N ALA A 57 -7.88 -17.98 -1.81
CA ALA A 57 -7.32 -16.83 -1.12
C ALA A 57 -8.32 -15.67 -1.16
N THR A 58 -8.06 -14.67 -0.35
CA THR A 58 -8.93 -13.51 -0.29
C THR A 58 -9.07 -12.88 -1.67
N GLY A 59 -10.32 -12.64 -2.09
CA GLY A 59 -10.56 -11.93 -3.33
C GLY A 59 -10.64 -12.80 -4.55
N ILE A 60 -10.50 -14.11 -4.41
CA ILE A 60 -10.42 -15.02 -5.55
C ILE A 60 -11.79 -15.63 -5.78
N ALA A 61 -12.28 -15.50 -7.01
CA ALA A 61 -13.62 -15.92 -7.36
C ALA A 61 -13.80 -17.43 -7.21
N ASP A 62 -15.05 -17.83 -6.98
CA ASP A 62 -15.38 -19.24 -6.82
C ASP A 62 -15.26 -20.03 -8.11
N ARG A 63 -14.95 -19.36 -9.22
CA ARG A 63 -14.74 -20.05 -10.48
C ARG A 63 -13.42 -20.82 -10.53
N PHE A 64 -12.53 -20.60 -9.57
CA PHE A 64 -11.24 -21.28 -9.54
C PHE A 64 -11.35 -22.46 -8.60
N SER A 65 -11.03 -23.67 -9.09
CA SER A 65 -11.05 -24.82 -8.20
C SER A 65 -9.95 -25.81 -8.55
N GLY A 66 -9.50 -26.53 -7.54
CA GLY A 66 -8.41 -27.48 -7.69
C GLY A 66 -8.86 -28.91 -7.41
N SER A 67 -8.25 -29.85 -8.12
CA SER A 67 -8.56 -31.25 -7.95
C SER A 67 -7.34 -32.10 -8.28
N GLY A 68 -7.46 -33.39 -7.99
CA GLY A 68 -6.41 -34.35 -8.28
C GLY A 68 -5.72 -34.84 -7.02
N SER A 69 -4.91 -35.87 -7.21
CA SER A 69 -4.20 -36.50 -6.11
C SER A 69 -3.01 -37.26 -6.70
N GLY A 70 -2.10 -37.65 -5.83
CA GLY A 70 -1.00 -38.48 -6.26
C GLY A 70 0.04 -37.67 -7.01
N THR A 71 0.08 -37.85 -8.34
CA THR A 71 1.02 -37.09 -9.14
C THR A 71 0.35 -36.11 -10.08
N ASP A 72 -0.96 -36.13 -10.25
CA ASP A 72 -1.63 -35.38 -11.31
C ASP A 72 -2.66 -34.43 -10.70
N PHE A 73 -2.37 -33.15 -10.76
CA PHE A 73 -3.21 -32.10 -10.19
C PHE A 73 -3.72 -31.17 -11.27
N THR A 74 -4.88 -30.58 -11.00
CA THR A 74 -5.58 -29.76 -11.98
CA THR A 74 -5.57 -29.76 -11.98
C THR A 74 -6.12 -28.48 -11.35
N LEU A 75 -5.94 -27.37 -12.04
CA LEU A 75 -6.62 -26.13 -11.72
C LEU A 75 -7.68 -25.94 -12.80
N THR A 76 -8.93 -25.80 -12.40
CA THR A 76 -10.02 -25.54 -13.33
C THR A 76 -10.55 -24.12 -13.13
N ILE A 77 -10.70 -23.38 -14.22
CA ILE A 77 -11.27 -22.03 -14.19
C ILE A 77 -12.54 -22.06 -15.03
N SER A 78 -13.69 -21.97 -14.39
CA SER A 78 -14.95 -21.90 -15.13
CA SER A 78 -14.94 -21.91 -15.13
C SER A 78 -15.23 -20.47 -15.58
N ARG A 79 -15.87 -20.36 -16.72
CA ARG A 79 -16.32 -19.10 -17.29
C ARG A 79 -15.23 -18.03 -17.19
N LEU A 80 -14.21 -18.23 -18.02
CA LEU A 80 -13.10 -17.30 -18.03
C LEU A 80 -13.59 -15.87 -18.26
N GLU A 81 -13.07 -14.92 -17.47
CA GLU A 81 -13.33 -13.47 -17.62
C GLU A 81 -12.00 -12.85 -18.08
N PRO A 82 -11.97 -11.75 -18.85
CA PRO A 82 -10.71 -11.18 -19.37
C PRO A 82 -9.62 -11.00 -18.32
N GLU A 83 -10.02 -10.67 -17.11
CA GLU A 83 -9.08 -10.45 -15.98
C GLU A 83 -8.37 -11.74 -15.60
N ASP A 84 -8.90 -12.92 -15.88
CA ASP A 84 -8.30 -14.20 -15.42
C ASP A 84 -7.25 -14.68 -16.41
N PHE A 85 -6.83 -13.89 -17.33
CA PHE A 85 -5.75 -14.29 -18.20
C PHE A 85 -4.40 -13.77 -17.67
N ALA A 86 -3.47 -14.70 -17.49
CA ALA A 86 -2.27 -14.50 -16.67
C ALA A 86 -1.42 -15.74 -16.85
N VAL A 87 -0.25 -15.76 -16.20
CA VAL A 87 0.55 -16.98 -16.07
C VAL A 87 0.21 -17.61 -14.73
N TYR A 88 0.02 -18.93 -14.72
CA TYR A 88 -0.35 -19.69 -13.54
C TYR A 88 0.80 -20.63 -13.17
N TYR A 89 1.16 -20.62 -11.90
CA TYR A 89 2.21 -21.47 -11.35
C TYR A 89 1.66 -22.37 -10.26
N CYS A 90 2.01 -23.63 -10.30
CA CYS A 90 1.77 -24.51 -9.15
C CYS A 90 3.03 -24.60 -8.30
N GLN A 91 2.84 -25.01 -7.06
CA GLN A 91 3.90 -25.02 -6.06
C GLN A 91 3.59 -26.13 -5.07
N GLN A 92 4.61 -26.86 -4.65
CA GLN A 92 4.45 -27.76 -3.51
C GLN A 92 5.33 -27.27 -2.37
N TYR A 93 4.80 -27.38 -1.14
CA TYR A 93 5.51 -26.94 0.05
C TYR A 93 5.54 -28.01 1.13
N GLY A 94 5.22 -29.25 0.79
CA GLY A 94 5.24 -30.31 1.79
C GLY A 94 6.52 -31.10 1.90
N SER A 95 7.45 -30.90 0.97
CA SER A 95 8.73 -31.61 0.95
C SER A 95 9.81 -30.61 0.61
N SER A 96 10.92 -30.68 1.34
CA SER A 96 12.02 -29.78 1.07
C SER A 96 12.89 -30.32 -0.06
N PRO A 97 13.30 -29.45 -0.99
CA PRO A 97 12.98 -28.02 -1.03
C PRO A 97 11.66 -27.63 -1.71
N ILE A 98 11.16 -26.43 -1.38
CA ILE A 98 10.02 -25.85 -2.11
CA ILE A 98 10.01 -25.88 -2.10
C ILE A 98 10.30 -25.87 -3.59
N THR A 99 9.32 -26.30 -4.39
CA THR A 99 9.48 -26.26 -5.84
C THR A 99 8.23 -25.69 -6.51
N PHE A 100 8.44 -25.13 -7.68
CA PHE A 100 7.39 -24.54 -8.49
C PHE A 100 7.36 -25.22 -9.86
N GLY A 101 6.18 -25.30 -10.44
CA GLY A 101 6.06 -25.59 -11.86
C GLY A 101 6.64 -24.45 -12.66
N GLN A 102 6.83 -24.70 -13.96
CA GLN A 102 7.45 -23.70 -14.85
C GLN A 102 6.47 -22.69 -15.38
N GLY A 103 5.18 -22.86 -15.10
CA GLY A 103 4.18 -21.89 -15.50
C GLY A 103 3.42 -22.30 -16.74
N THR A 104 2.14 -21.96 -16.76
CA THR A 104 1.29 -22.07 -17.95
C THR A 104 0.74 -20.69 -18.24
N ARG A 105 0.89 -20.22 -19.46
CA ARG A 105 0.35 -18.93 -19.86
C ARG A 105 -1.04 -19.15 -20.44
N LEU A 106 -2.03 -18.47 -19.89
CA LEU A 106 -3.40 -18.49 -20.41
C LEU A 106 -3.57 -17.25 -21.29
N GLU A 107 -3.73 -17.48 -22.59
CA GLU A 107 -3.82 -16.44 -23.62
C GLU A 107 -5.30 -16.32 -23.99
N ILE A 108 -5.80 -15.15 -24.39
CA ILE A 108 -7.20 -14.92 -24.74
C ILE A 108 -7.38 -15.21 -26.22
N LYS A 109 -8.24 -16.16 -26.58
CA LYS A 109 -8.59 -16.36 -27.98
C LYS A 109 -9.61 -15.31 -28.42
N ARG A 110 -9.35 -14.70 -29.57
CA ARG A 110 -10.25 -13.71 -30.14
C ARG A 110 -10.25 -13.88 -31.64
N THR A 111 -11.07 -13.09 -32.34
CA THR A 111 -11.23 -13.24 -33.77
C THR A 111 -10.00 -12.72 -34.52
N VAL A 112 -9.65 -13.42 -35.60
CA VAL A 112 -8.51 -12.99 -36.42
CA VAL A 112 -8.52 -12.99 -36.43
C VAL A 112 -8.69 -11.53 -36.78
N ALA A 113 -7.59 -10.77 -36.67
CA ALA A 113 -7.57 -9.36 -36.96
C ALA A 113 -6.26 -9.02 -37.66
N ALA A 114 -6.35 -8.41 -38.83
CA ALA A 114 -5.16 -8.04 -39.57
C ALA A 114 -4.44 -6.85 -38.93
N PRO A 115 -3.10 -6.83 -39.02
CA PRO A 115 -2.35 -5.67 -38.53
C PRO A 115 -2.52 -4.45 -39.44
N SER A 116 -2.51 -3.28 -38.83
CA SER A 116 -2.24 -2.03 -39.53
C SER A 116 -0.75 -1.77 -39.46
N VAL A 117 -0.15 -1.45 -40.58
CA VAL A 117 1.31 -1.41 -40.70
C VAL A 117 1.78 0.02 -40.96
N PHE A 118 2.86 0.40 -40.29
CA PHE A 118 3.48 1.71 -40.37
C PHE A 118 4.99 1.55 -40.43
N ILE A 119 5.67 2.38 -41.23
CA ILE A 119 7.11 2.40 -41.31
C ILE A 119 7.62 3.77 -40.93
N PHE A 120 8.75 3.80 -40.22
CA PHE A 120 9.34 5.04 -39.72
C PHE A 120 10.82 5.09 -40.13
N PRO A 121 11.24 6.10 -40.88
CA PRO A 121 12.65 6.28 -41.14
C PRO A 121 13.41 6.62 -39.88
N PRO A 122 14.74 6.50 -39.89
CA PRO A 122 15.54 7.08 -38.81
C PRO A 122 15.33 8.59 -38.74
N SER A 123 15.30 9.09 -37.52
CA SER A 123 15.20 10.52 -37.30
C SER A 123 16.50 11.22 -37.67
N ASP A 124 16.37 12.49 -38.05
CA ASP A 124 17.56 13.30 -38.26
C ASP A 124 18.40 13.37 -37.01
N GLU A 125 17.77 13.36 -35.83
CA GLU A 125 18.53 13.40 -34.58
C GLU A 125 19.40 12.15 -34.43
N GLN A 126 18.84 10.99 -34.72
CA GLN A 126 19.64 9.79 -34.61
C GLN A 126 20.77 9.77 -35.61
N LEU A 127 20.48 10.17 -36.85
CA LEU A 127 21.53 10.18 -37.85
C LEU A 127 22.63 11.15 -37.42
N LYS A 128 22.23 12.29 -36.85
CA LYS A 128 23.20 13.25 -36.34
C LYS A 128 24.06 12.63 -35.27
N SER A 129 23.47 11.77 -34.44
CA SER A 129 24.19 11.04 -33.41
C SER A 129 25.02 9.87 -33.95
N GLY A 130 24.84 9.49 -35.21
CA GLY A 130 25.75 8.58 -35.89
C GLY A 130 25.29 7.16 -36.15
N THR A 131 24.02 6.83 -35.90
CA THR A 131 23.48 5.49 -36.12
C THR A 131 22.16 5.57 -36.88
N ALA A 132 21.64 4.44 -37.37
CA ALA A 132 20.34 4.47 -38.04
C ALA A 132 19.47 3.28 -37.64
N SER A 133 18.23 3.55 -37.27
CA SER A 133 17.25 2.52 -36.97
C SER A 133 15.99 2.77 -37.79
N VAL A 134 15.54 1.77 -38.54
CA VAL A 134 14.28 1.86 -39.29
C VAL A 134 13.28 1.00 -38.55
N VAL A 135 12.08 1.50 -38.29
CA VAL A 135 11.10 0.81 -37.45
C VAL A 135 9.86 0.48 -38.26
N CYS A 136 9.40 -0.76 -38.13
CA CYS A 136 8.14 -1.21 -38.72
C CYS A 136 7.20 -1.61 -37.59
N LEU A 137 6.01 -1.02 -37.56
CA LEU A 137 5.01 -1.24 -36.53
C LEU A 137 3.85 -2.02 -37.13
N LEU A 138 3.47 -3.15 -36.50
CA LEU A 138 2.30 -4.00 -36.90
C LEU A 138 1.30 -3.83 -35.75
N ASN A 139 0.23 -3.04 -35.89
CA ASN A 139 -0.66 -2.66 -34.80
C ASN A 139 -1.96 -3.45 -34.77
N ASN A 140 -2.28 -3.95 -33.57
CA ASN A 140 -3.59 -4.50 -33.18
C ASN A 140 -4.03 -5.66 -34.08
N PHE A 141 -3.30 -6.75 -33.96
CA PHE A 141 -3.54 -7.94 -34.77
C PHE A 141 -3.70 -9.17 -33.89
N TYR A 142 -4.23 -10.23 -34.52
CA TYR A 142 -4.41 -11.52 -33.86
C TYR A 142 -4.55 -12.58 -34.94
N PRO A 143 -3.91 -13.75 -34.84
CA PRO A 143 -3.07 -14.24 -33.75
C PRO A 143 -1.67 -13.65 -33.78
N ARG A 144 -0.82 -14.07 -32.85
CA ARG A 144 0.48 -13.42 -32.62
C ARG A 144 1.49 -13.67 -33.77
N GLU A 145 1.33 -14.84 -34.42
CA GLU A 145 2.20 -15.27 -35.55
C GLU A 145 2.19 -14.19 -36.63
N ALA A 146 3.34 -13.71 -37.07
CA ALA A 146 3.48 -12.63 -38.03
C ALA A 146 4.88 -12.67 -38.54
N LYS A 147 5.04 -12.48 -39.86
CA LYS A 147 6.37 -12.52 -40.51
C LYS A 147 6.66 -11.10 -40.91
N VAL A 148 7.83 -10.55 -40.57
CA VAL A 148 8.23 -9.22 -41.07
C VAL A 148 9.48 -9.41 -41.92
N GLN A 149 9.44 -8.97 -43.19
CA GLN A 149 10.61 -9.05 -44.07
C GLN A 149 11.04 -7.63 -44.42
N TRP A 150 12.31 -7.35 -44.17
CA TRP A 150 12.90 -6.07 -44.54
C TRP A 150 13.66 -6.19 -45.85
N LYS A 151 13.53 -5.16 -46.68
CA LYS A 151 14.33 -5.01 -47.91
C LYS A 151 14.88 -3.59 -48.00
N VAL A 152 16.13 -3.51 -48.45
CA VAL A 152 16.84 -2.26 -48.70
C VAL A 152 17.35 -2.33 -50.13
N ASP A 153 16.89 -1.40 -50.98
CA ASP A 153 17.19 -1.46 -52.42
C ASP A 153 16.95 -2.87 -52.96
N ASN A 154 15.85 -3.47 -52.54
CA ASN A 154 15.34 -4.79 -52.90
C ASN A 154 16.20 -5.95 -52.37
N ALA A 155 17.19 -5.69 -51.52
CA ALA A 155 17.97 -6.75 -50.93
C ALA A 155 17.30 -7.20 -49.64
N LEU A 156 16.98 -8.50 -49.55
CA LEU A 156 16.45 -9.08 -48.33
C LEU A 156 17.44 -8.94 -47.20
N GLN A 157 16.98 -8.40 -46.07
CA GLN A 157 17.84 -8.24 -44.89
C GLN A 157 17.65 -9.41 -43.97
N SER A 158 18.71 -10.12 -43.66
CA SER A 158 18.64 -11.30 -42.80
CA SER A 158 18.63 -11.29 -42.80
C SER A 158 19.60 -11.15 -41.65
N GLY A 159 19.09 -11.07 -40.43
CA GLY A 159 19.90 -11.13 -39.24
C GLY A 159 20.16 -9.81 -38.55
N ASN A 160 19.77 -8.69 -39.17
CA ASN A 160 20.04 -7.37 -38.62
C ASN A 160 18.77 -6.66 -38.17
N SER A 161 17.73 -7.41 -37.80
CA SER A 161 16.55 -6.81 -37.22
C SER A 161 16.20 -7.56 -35.95
N GLN A 162 15.50 -6.86 -35.09
CA GLN A 162 14.97 -7.45 -33.87
C GLN A 162 13.51 -7.08 -33.72
N GLU A 163 12.74 -8.00 -33.12
CA GLU A 163 11.31 -7.80 -32.93
C GLU A 163 10.96 -7.83 -31.45
N SER A 164 9.89 -7.12 -31.11
CA SER A 164 9.31 -7.09 -29.77
C SER A 164 7.80 -7.07 -29.90
N VAL A 165 7.11 -7.79 -29.02
CA VAL A 165 5.66 -7.91 -29.08
C VAL A 165 5.07 -7.54 -27.73
N THR A 166 3.95 -6.83 -27.75
CA THR A 166 3.26 -6.44 -26.52
C THR A 166 2.52 -7.64 -25.94
N GLU A 167 2.15 -7.51 -24.67
CA GLU A 167 1.15 -8.39 -24.12
C GLU A 167 -0.21 -8.09 -24.75
N GLN A 168 -1.13 -9.05 -24.63
CA GLN A 168 -2.45 -8.82 -25.21
C GLN A 168 -3.10 -7.59 -24.63
N ASP A 169 -3.76 -6.82 -25.48
CA ASP A 169 -4.38 -5.58 -25.07
C ASP A 169 -5.54 -5.87 -24.11
N SER A 170 -5.68 -5.04 -23.07
CA SER A 170 -6.65 -5.27 -22.01
C SER A 170 -8.06 -5.15 -22.52
N LYS A 171 -8.27 -4.27 -23.51
CA LYS A 171 -9.61 -3.96 -24.06
C LYS A 171 -9.97 -4.91 -25.21
N ASP A 172 -9.09 -5.12 -26.22
CA ASP A 172 -9.47 -5.91 -27.44
C ASP A 172 -8.68 -7.20 -27.66
N SER A 173 -7.78 -7.56 -26.75
CA SER A 173 -7.04 -8.81 -26.73
C SER A 173 -6.11 -8.97 -27.95
N THR A 174 -5.77 -7.89 -28.64
CA THR A 174 -4.87 -7.98 -29.77
C THR A 174 -3.42 -7.81 -29.32
N TYR A 175 -2.52 -8.07 -30.25
CA TYR A 175 -1.10 -7.84 -30.11
C TYR A 175 -0.67 -6.68 -30.99
N SER A 176 0.45 -6.06 -30.62
CA SER A 176 1.19 -5.16 -31.50
C SER A 176 2.65 -5.61 -31.49
N LEU A 177 3.36 -5.29 -32.57
CA LEU A 177 4.71 -5.77 -32.76
C LEU A 177 5.53 -4.65 -33.40
N SER A 178 6.76 -4.49 -32.93
CA SER A 178 7.74 -3.63 -33.59
C SER A 178 8.90 -4.44 -34.11
N SER A 179 9.34 -4.12 -35.33
CA SER A 179 10.55 -4.70 -35.90
C SER A 179 11.49 -3.54 -36.18
N THR A 180 12.72 -3.63 -35.68
CA THR A 180 13.70 -2.55 -35.82
C THR A 180 14.87 -3.10 -36.63
N LEU A 181 15.14 -2.46 -37.77
CA LEU A 181 16.28 -2.76 -38.62
C LEU A 181 17.44 -1.84 -38.25
N THR A 182 18.57 -2.43 -37.91
CA THR A 182 19.79 -1.68 -37.58
C THR A 182 20.69 -1.61 -38.80
N LEU A 183 21.11 -0.42 -39.20
CA LEU A 183 22.09 -0.30 -40.29
C LEU A 183 22.97 0.90 -39.97
N SER A 184 24.23 0.86 -40.40
CA SER A 184 25.14 1.95 -40.17
C SER A 184 24.59 3.20 -40.88
N LYS A 185 25.04 4.37 -40.41
CA LYS A 185 24.66 5.60 -41.07
C LYS A 185 25.11 5.59 -42.52
N ALA A 186 26.31 5.08 -42.80
CA ALA A 186 26.77 5.02 -44.17
C ALA A 186 25.86 4.15 -45.03
N ASP A 187 25.51 2.95 -44.54
CA ASP A 187 24.63 2.11 -45.33
C ASP A 187 23.28 2.77 -45.52
N TYR A 188 22.78 3.48 -44.52
CA TYR A 188 21.50 4.14 -44.67
C TYR A 188 21.53 5.22 -45.76
N GLU A 189 22.55 6.09 -45.72
CA GLU A 189 22.64 7.19 -46.69
CA GLU A 189 22.64 7.17 -46.69
C GLU A 189 22.99 6.69 -48.09
N LYS A 190 23.61 5.51 -48.21
CA LYS A 190 24.06 5.01 -49.50
C LYS A 190 23.04 4.13 -50.19
N HIS A 191 21.89 3.88 -49.58
CA HIS A 191 20.80 3.18 -50.24
C HIS A 191 19.55 4.05 -50.21
N LYS A 192 18.53 3.65 -50.97
CA LYS A 192 17.41 4.54 -51.26
C LYS A 192 16.07 4.04 -50.75
N LEU A 193 15.67 2.82 -51.11
CA LEU A 193 14.32 2.30 -50.86
C LEU A 193 14.35 1.36 -49.66
N TYR A 194 13.51 1.67 -48.68
CA TYR A 194 13.40 0.91 -47.45
C TYR A 194 12.00 0.36 -47.36
N ALA A 195 11.86 -0.96 -47.19
CA ALA A 195 10.55 -1.56 -47.19
C ALA A 195 10.43 -2.66 -46.14
N CYS A 196 9.26 -2.71 -45.51
CA CYS A 196 8.90 -3.82 -44.64
CA CYS A 196 8.86 -3.77 -44.62
C CYS A 196 7.63 -4.44 -45.20
N GLU A 197 7.70 -5.75 -45.39
CA GLU A 197 6.60 -6.55 -45.93
C GLU A 197 6.10 -7.48 -44.84
N VAL A 198 4.79 -7.44 -44.60
CA VAL A 198 4.18 -8.15 -43.49
C VAL A 198 3.25 -9.24 -44.02
N THR A 199 3.45 -10.47 -43.56
CA THR A 199 2.49 -11.54 -43.81
CA THR A 199 2.53 -11.58 -43.80
C THR A 199 1.84 -11.94 -42.49
N HIS A 200 0.53 -12.17 -42.58
CA HIS A 200 -0.28 -12.46 -41.41
C HIS A 200 -1.55 -13.12 -41.89
N GLN A 201 -2.11 -14.00 -41.03
CA GLN A 201 -3.33 -14.75 -41.36
C GLN A 201 -4.49 -13.83 -41.76
N GLY A 202 -4.59 -12.65 -41.16
CA GLY A 202 -5.68 -11.74 -41.44
C GLY A 202 -5.54 -10.98 -42.75
N LEU A 203 -4.40 -11.13 -43.43
CA LEU A 203 -4.15 -10.44 -44.69
C LEU A 203 -4.26 -11.43 -45.83
N SER A 204 -5.08 -11.08 -46.83
CA SER A 204 -5.25 -11.93 -48.00
C SER A 204 -3.95 -12.07 -48.78
N SER A 205 -3.13 -11.03 -48.80
CA SER A 205 -1.79 -11.10 -49.37
C SER A 205 -0.90 -10.14 -48.58
N PRO A 206 0.41 -10.34 -48.61
CA PRO A 206 1.30 -9.50 -47.79
C PRO A 206 1.13 -8.02 -48.09
N VAL A 207 1.31 -7.22 -47.05
CA VAL A 207 1.25 -5.77 -47.14
CA VAL A 207 1.25 -5.77 -47.10
C VAL A 207 2.67 -5.23 -47.00
N THR A 208 3.00 -4.25 -47.84
CA THR A 208 4.30 -3.61 -47.83
C THR A 208 4.13 -2.13 -47.54
N LYS A 209 4.92 -1.62 -46.60
CA LYS A 209 5.05 -0.19 -46.36
C LYS A 209 6.49 0.17 -46.66
N SER A 210 6.69 1.29 -47.35
CA SER A 210 8.05 1.64 -47.76
C SER A 210 8.19 3.15 -47.79
N PHE A 211 9.45 3.58 -47.86
CA PHE A 211 9.77 4.98 -48.08
C PHE A 211 11.10 5.03 -48.84
N ASN A 212 11.29 6.14 -49.53
CA ASN A 212 12.55 6.48 -50.17
C ASN A 212 13.24 7.50 -49.29
N ARG A 213 14.45 7.19 -48.86
CA ARG A 213 15.23 8.12 -48.03
C ARG A 213 15.38 9.42 -48.79
N GLY A 214 15.13 10.56 -48.19
CA GLY A 214 15.33 11.87 -48.76
C GLY A 214 14.25 12.32 -49.71
N GLU A 215 13.12 11.64 -49.76
CA GLU A 215 12.00 12.03 -50.60
C GLU A 215 10.78 12.35 -49.75
N GLN B 1 -4.91 -4.86 5.09
CA GLN B 1 -4.02 -4.00 4.25
C GLN B 1 -2.56 -4.48 4.40
N VAL B 2 -2.28 -5.77 4.21
CA VAL B 2 -0.90 -6.22 4.18
C VAL B 2 -0.16 -5.44 3.10
N GLN B 3 1.03 -4.97 3.44
CA GLN B 3 1.94 -4.31 2.51
C GLN B 3 3.32 -4.91 2.66
N LEU B 4 3.99 -5.14 1.53
CA LEU B 4 5.36 -5.63 1.49
C LEU B 4 6.05 -4.85 0.41
N VAL B 5 7.15 -4.17 0.73
CA VAL B 5 7.85 -3.35 -0.25
C VAL B 5 9.35 -3.60 -0.18
N GLU B 6 9.94 -4.07 -1.29
CA GLU B 6 11.34 -4.40 -1.38
C GLU B 6 12.17 -3.21 -1.84
N SER B 7 13.44 -3.24 -1.46
CA SER B 7 14.42 -2.28 -1.95
CA SER B 7 14.41 -2.28 -1.96
C SER B 7 15.79 -2.94 -1.89
N GLY B 8 16.79 -2.26 -2.48
CA GLY B 8 18.19 -2.68 -2.40
C GLY B 8 18.75 -3.30 -3.65
N GLY B 9 17.93 -3.52 -4.64
CA GLY B 9 18.37 -4.07 -5.88
C GLY B 9 19.01 -3.00 -6.73
N GLY B 10 19.49 -3.43 -7.84
CA GLY B 10 20.14 -2.56 -8.80
C GLY B 10 21.20 -3.35 -9.53
N LEU B 11 22.01 -2.61 -10.28
CA LEU B 11 23.13 -3.17 -11.03
C LEU B 11 24.34 -3.30 -10.12
N VAL B 12 24.99 -4.46 -10.18
CA VAL B 12 26.16 -4.75 -9.38
C VAL B 12 27.05 -5.66 -10.21
N GLN B 13 28.34 -5.55 -9.99
CA GLN B 13 29.28 -6.35 -10.75
CA GLN B 13 29.27 -6.36 -10.75
C GLN B 13 29.33 -7.79 -10.23
N PRO B 14 29.71 -8.74 -11.09
CA PRO B 14 29.94 -10.10 -10.61
C PRO B 14 30.97 -10.08 -9.50
N GLY B 15 30.72 -10.91 -8.49
CA GLY B 15 31.48 -10.92 -7.27
C GLY B 15 31.07 -9.89 -6.25
N GLY B 16 30.14 -9.01 -6.59
CA GLY B 16 29.74 -7.95 -5.72
C GLY B 16 28.68 -8.38 -4.74
N SER B 17 28.19 -7.38 -4.01
CA SER B 17 27.25 -7.59 -2.92
C SER B 17 26.09 -6.62 -2.99
N LEU B 18 24.95 -7.10 -2.48
CA LEU B 18 23.77 -6.27 -2.29
C LEU B 18 23.12 -6.70 -0.99
N ARG B 19 22.40 -5.79 -0.38
CA ARG B 19 21.57 -6.09 0.77
C ARG B 19 20.15 -5.71 0.41
N LEU B 20 19.32 -6.70 0.19
CA LEU B 20 17.93 -6.45 -0.08
C LEU B 20 17.18 -6.32 1.23
N SER B 21 16.13 -5.49 1.23
CA SER B 21 15.25 -5.36 2.38
C SER B 21 13.82 -5.38 1.91
N CYS B 22 12.94 -5.76 2.82
CA CYS B 22 11.51 -5.79 2.61
C CYS B 22 10.86 -5.23 3.86
N VAL B 23 10.29 -4.07 3.76
CA VAL B 23 9.57 -3.45 4.87
CA VAL B 23 9.57 -3.45 4.86
C VAL B 23 8.11 -3.83 4.73
N THR B 24 7.46 -4.08 5.87
CA THR B 24 6.13 -4.62 5.86
C THR B 24 5.21 -3.81 6.78
N SER B 25 3.92 -3.94 6.52
CA SER B 25 2.91 -3.42 7.43
C SER B 25 1.64 -4.23 7.29
N GLY B 26 0.76 -4.09 8.28
CA GLY B 26 -0.57 -4.62 8.15
C GLY B 26 -0.76 -6.04 8.61
N PHE B 27 0.25 -6.62 9.25
CA PHE B 27 0.13 -7.94 9.86
C PHE B 27 1.17 -8.02 10.96
N THR B 28 1.00 -8.96 11.89
CA THR B 28 1.94 -9.10 12.99
C THR B 28 3.15 -9.84 12.47
N PHE B 29 4.16 -9.06 12.07
CA PHE B 29 5.32 -9.59 11.37
C PHE B 29 6.00 -10.68 12.17
N ARG B 30 6.17 -10.47 13.47
CA ARG B 30 6.97 -11.38 14.27
C ARG B 30 6.37 -12.77 14.35
N SER B 31 5.10 -12.95 13.96
CA SER B 31 4.42 -14.21 14.06
C SER B 31 4.58 -15.13 12.86
N TYR B 32 5.10 -14.64 11.74
CA TYR B 32 5.08 -15.41 10.51
C TYR B 32 6.47 -15.63 9.96
N ALA B 33 6.69 -16.82 9.41
CA ALA B 33 7.83 -17.03 8.55
C ALA B 33 7.72 -16.15 7.32
N MET B 34 8.87 -15.87 6.72
CA MET B 34 8.97 -15.01 5.55
C MET B 34 9.91 -15.67 4.54
N THR B 35 9.75 -15.29 3.28
CA THR B 35 10.39 -16.01 2.17
C THR B 35 10.84 -15.03 1.10
N TRP B 36 11.93 -15.38 0.42
CA TRP B 36 12.34 -14.71 -0.81
C TRP B 36 12.17 -15.70 -1.96
N VAL B 37 11.57 -15.24 -3.08
CA VAL B 37 11.42 -15.97 -4.33
C VAL B 37 12.01 -15.06 -5.41
N ARG B 38 12.63 -15.63 -6.43
CA ARG B 38 13.15 -14.82 -7.51
C ARG B 38 12.65 -15.30 -8.84
N GLN B 39 12.72 -14.41 -9.84
CA GLN B 39 12.24 -14.70 -11.19
C GLN B 39 13.22 -14.06 -12.17
N ALA B 40 13.98 -14.90 -12.85
CA ALA B 40 14.91 -14.42 -13.86
C ALA B 40 14.11 -13.88 -15.03
N PRO B 41 14.65 -12.91 -15.78
CA PRO B 41 13.87 -12.29 -16.85
C PRO B 41 13.35 -13.32 -17.84
N GLY B 42 12.03 -13.27 -18.06
CA GLY B 42 11.36 -14.20 -18.95
C GLY B 42 11.18 -15.61 -18.46
N LYS B 43 11.66 -15.91 -17.24
CA LYS B 43 11.66 -17.30 -16.70
C LYS B 43 10.58 -17.40 -15.63
N GLY B 44 10.48 -18.52 -14.90
CA GLY B 44 9.50 -18.79 -13.87
C GLY B 44 10.01 -18.49 -12.48
N LEU B 45 9.19 -18.87 -11.50
CA LEU B 45 9.49 -18.61 -10.10
C LEU B 45 10.46 -19.64 -9.55
N GLU B 46 11.40 -19.18 -8.71
CA GLU B 46 12.38 -20.03 -8.05
C GLU B 46 12.45 -19.63 -6.57
N TRP B 47 12.19 -20.57 -5.66
CA TRP B 47 12.37 -20.31 -4.23
C TRP B 47 13.84 -20.09 -3.92
N VAL B 48 14.11 -19.07 -3.09
CA VAL B 48 15.47 -18.70 -2.71
C VAL B 48 15.76 -19.06 -1.26
N SER B 49 14.93 -18.60 -0.33
CA SER B 49 15.25 -18.76 1.09
C SER B 49 14.02 -18.46 1.91
N SER B 50 13.95 -19.07 3.10
CA SER B 50 12.89 -18.78 4.05
C SER B 50 13.47 -18.73 5.46
N ILE B 51 12.78 -18.00 6.33
CA ILE B 51 13.21 -17.80 7.72
C ILE B 51 12.01 -17.94 8.64
N SER B 52 12.22 -18.63 9.76
CA SER B 52 11.14 -18.81 10.71
C SER B 52 10.77 -17.49 11.37
N HIS B 53 9.60 -17.50 12.02
CA HIS B 53 9.12 -16.31 12.72
C HIS B 53 10.14 -15.72 13.70
N SER B 54 10.94 -16.57 14.34
CA SER B 54 11.91 -16.17 15.34
C SER B 54 13.30 -15.92 14.79
N GLY B 55 13.54 -16.24 13.52
CA GLY B 55 14.87 -16.17 12.97
C GLY B 55 15.76 -17.34 13.31
N GLY B 56 15.27 -18.30 14.09
CA GLY B 56 16.09 -19.41 14.53
C GLY B 56 16.27 -20.54 13.55
N SER B 57 15.46 -20.58 12.50
CA SER B 57 15.56 -21.63 11.49
C SER B 57 15.56 -20.92 10.14
N THR B 58 16.57 -21.20 9.33
CA THR B 58 16.68 -20.65 7.98
C THR B 58 16.84 -21.80 7.00
N LYS B 59 16.35 -21.60 5.77
CA LYS B 59 16.42 -22.61 4.74
C LYS B 59 16.81 -21.93 3.44
N TYR B 60 17.63 -22.59 2.61
CA TYR B 60 18.19 -22.00 1.41
C TYR B 60 18.11 -22.97 0.25
N ALA B 61 17.86 -22.43 -0.94
CA ALA B 61 18.09 -23.20 -2.15
C ALA B 61 19.57 -23.55 -2.31
N ASP B 62 19.84 -24.75 -2.86
CA ASP B 62 21.23 -25.18 -3.01
C ASP B 62 22.05 -24.19 -3.84
N SER B 63 21.42 -23.58 -4.85
CA SER B 63 22.14 -22.68 -5.75
C SER B 63 22.64 -21.41 -5.08
N VAL B 64 22.17 -21.07 -3.89
CA VAL B 64 22.52 -19.82 -3.22
C VAL B 64 23.17 -20.04 -1.87
N LYS B 65 23.27 -21.29 -1.40
CA LYS B 65 23.82 -21.55 -0.08
C LYS B 65 25.23 -20.98 0.05
N GLY B 66 25.47 -20.33 1.19
CA GLY B 66 26.79 -19.78 1.48
C GLY B 66 27.04 -18.40 0.91
N ARG B 67 26.28 -17.97 -0.08
CA ARG B 67 26.42 -16.65 -0.67
C ARG B 67 25.33 -15.68 -0.25
N LEU B 68 24.13 -16.19 0.01
CA LEU B 68 22.98 -15.41 0.41
C LEU B 68 22.64 -15.79 1.84
N THR B 69 22.31 -14.80 2.65
CA THR B 69 21.94 -15.00 4.05
C THR B 69 20.64 -14.25 4.29
N ILE B 70 19.62 -14.94 4.78
CA ILE B 70 18.34 -14.34 5.15
C ILE B 70 18.36 -13.96 6.62
N SER B 71 17.71 -12.85 6.95
CA SER B 71 17.62 -12.40 8.32
C SER B 71 16.40 -11.53 8.46
N ARG B 72 16.10 -11.16 9.70
CA ARG B 72 14.92 -10.34 9.96
C ARG B 72 15.13 -9.54 11.24
N ASP B 73 14.45 -8.39 11.29
CA ASP B 73 14.44 -7.52 12.47
C ASP B 73 12.96 -7.34 12.79
N ASP B 74 12.51 -8.08 13.81
CA ASP B 74 11.10 -8.06 14.17
C ASP B 74 10.69 -6.66 14.68
N SER B 75 11.59 -5.97 15.36
CA SER B 75 11.29 -4.63 15.85
C SER B 75 11.14 -3.60 14.73
N MET B 76 11.69 -3.88 13.54
CA MET B 76 11.59 -3.01 12.37
C MET B 76 10.61 -3.55 11.32
N ASP B 77 9.95 -4.67 11.61
CA ASP B 77 9.05 -5.38 10.70
C ASP B 77 9.68 -5.53 9.30
N THR B 78 10.96 -5.84 9.29
CA THR B 78 11.74 -5.87 8.05
C THR B 78 12.45 -7.20 7.88
N LEU B 79 12.38 -7.71 6.65
CA LEU B 79 13.08 -8.91 6.19
C LEU B 79 14.27 -8.48 5.34
N TYR B 80 15.39 -9.20 5.46
CA TYR B 80 16.58 -8.87 4.68
C TYR B 80 17.13 -10.07 3.93
N LEU B 81 17.90 -9.79 2.88
CA LEU B 81 18.69 -10.80 2.18
C LEU B 81 20.05 -10.19 1.89
N GLN B 82 21.09 -10.67 2.55
CA GLN B 82 22.46 -10.22 2.32
C GLN B 82 23.05 -11.10 1.23
N MET B 83 23.39 -10.50 0.09
CA MET B 83 23.85 -11.24 -1.07
CA MET B 83 23.86 -11.26 -1.06
C MET B 83 25.31 -10.91 -1.32
N ASN B 84 26.16 -11.92 -1.28
CA ASN B 84 27.57 -11.76 -1.56
C ASN B 84 28.00 -12.66 -2.71
N SER B 85 29.15 -12.35 -3.29
CA SER B 85 29.72 -13.19 -4.34
C SER B 85 28.71 -13.43 -5.46
N LEU B 86 28.09 -12.35 -5.91
CA LEU B 86 27.00 -12.48 -6.85
C LEU B 86 27.47 -12.93 -8.22
N ARG B 87 26.60 -13.68 -8.89
CA ARG B 87 26.86 -14.26 -10.20
C ARG B 87 25.84 -13.75 -11.21
N ALA B 88 26.23 -13.78 -12.49
CA ALA B 88 25.30 -13.37 -13.53
C ALA B 88 23.95 -14.06 -13.42
N GLU B 89 23.94 -15.35 -13.08
CA GLU B 89 22.73 -16.14 -13.00
C GLU B 89 21.88 -15.79 -11.78
N ASP B 90 22.37 -14.93 -10.89
CA ASP B 90 21.51 -14.39 -9.85
C ASP B 90 20.67 -13.20 -10.32
N THR B 91 20.83 -12.75 -11.57
CA THR B 91 19.99 -11.68 -12.09
C THR B 91 18.54 -12.12 -12.08
N ALA B 92 17.69 -11.28 -11.51
CA ALA B 92 16.29 -11.67 -11.30
C ALA B 92 15.55 -10.55 -10.61
N ILE B 93 14.23 -10.58 -10.69
CA ILE B 93 13.39 -9.85 -9.73
C ILE B 93 13.32 -10.68 -8.46
N TYR B 94 13.60 -10.05 -7.32
CA TYR B 94 13.50 -10.71 -6.01
C TYR B 94 12.25 -10.24 -5.31
N TYR B 95 11.37 -11.18 -4.96
CA TYR B 95 10.10 -10.92 -4.28
C TYR B 95 10.23 -11.34 -2.84
N CYS B 96 9.79 -10.51 -1.92
CA CYS B 96 9.59 -11.01 -0.58
CA CYS B 96 9.54 -10.88 -0.53
C CYS B 96 8.13 -11.41 -0.45
N ALA B 97 7.91 -12.41 0.41
CA ALA B 97 6.58 -12.97 0.58
C ALA B 97 6.39 -13.38 2.02
N LYS B 98 5.14 -13.28 2.46
CA LYS B 98 4.72 -13.69 3.81
C LYS B 98 4.20 -15.11 3.74
N ASP B 99 4.67 -15.99 4.61
CA ASP B 99 4.16 -17.38 4.73
C ASP B 99 2.88 -17.32 5.54
N GLN B 100 2.09 -18.40 5.47
CA GLN B 100 0.87 -18.45 6.26
C GLN B 100 1.09 -18.86 7.70
N ILE B 101 2.25 -19.44 8.05
CA ILE B 101 2.50 -19.99 9.37
C ILE B 101 3.84 -19.50 9.89
N SER B 102 4.18 -19.94 11.10
CA SER B 102 5.40 -19.48 11.73
C SER B 102 6.63 -20.24 11.33
N TYR B 103 6.50 -21.46 10.79
CA TYR B 103 7.60 -22.31 10.37
C TYR B 103 7.94 -22.02 8.91
N PRO B 104 9.21 -22.05 8.54
CA PRO B 104 9.59 -21.64 7.19
C PRO B 104 9.37 -22.72 6.14
N ALA B 105 9.04 -22.27 4.93
CA ALA B 105 9.05 -23.15 3.73
C ALA B 105 8.17 -24.38 3.94
N ALA B 106 6.96 -24.13 4.45
CA ALA B 106 6.06 -25.21 4.80
C ALA B 106 4.59 -24.82 4.67
N SER B 107 4.26 -23.77 3.92
CA SER B 107 2.90 -23.29 3.76
C SER B 107 2.87 -22.40 2.53
N PRO B 108 1.66 -22.08 2.05
CA PRO B 108 1.53 -21.15 0.93
C PRO B 108 2.09 -19.77 1.27
N LEU B 109 2.42 -19.04 0.22
CA LEU B 109 2.83 -17.65 0.33
C LEU B 109 1.63 -16.75 0.08
N ASP B 110 1.08 -16.17 1.17
CA ASP B 110 -0.23 -15.55 0.96
C ASP B 110 -0.17 -14.10 0.51
N TYR B 111 0.99 -13.41 0.67
CA TYR B 111 1.14 -12.04 0.20
C TYR B 111 2.56 -11.85 -0.31
N TRP B 112 2.69 -11.11 -1.40
CA TRP B 112 3.96 -10.91 -2.09
C TRP B 112 4.16 -9.43 -2.34
N GLY B 113 5.42 -8.99 -2.27
CA GLY B 113 5.77 -7.67 -2.76
C GLY B 113 5.90 -7.65 -4.27
N ARG B 114 5.96 -6.44 -4.83
CA ARG B 114 6.08 -6.30 -6.27
C ARG B 114 7.48 -6.61 -6.78
N GLY B 115 8.48 -6.62 -5.93
CA GLY B 115 9.81 -7.10 -6.23
C GLY B 115 10.82 -5.99 -6.44
N THR B 116 12.10 -6.36 -6.32
CA THR B 116 13.22 -5.48 -6.60
C THR B 116 14.12 -6.16 -7.63
N LEU B 117 14.46 -5.45 -8.71
CA LEU B 117 15.28 -6.03 -9.77
C LEU B 117 16.77 -5.97 -9.45
N VAL B 118 17.42 -7.13 -9.51
CA VAL B 118 18.86 -7.28 -9.31
C VAL B 118 19.47 -7.65 -10.64
N THR B 119 20.42 -6.85 -11.12
CA THR B 119 21.13 -7.11 -12.36
C THR B 119 22.62 -7.30 -12.04
N VAL B 120 23.15 -8.47 -12.32
CA VAL B 120 24.56 -8.76 -12.06
C VAL B 120 25.27 -8.78 -13.41
N SER B 121 26.11 -7.78 -13.64
CA SER B 121 26.76 -7.58 -14.94
C SER B 121 27.97 -6.68 -14.80
N SER B 122 28.95 -6.92 -15.68
CA SER B 122 30.13 -6.08 -15.73
C SER B 122 29.93 -4.82 -16.57
N ALA B 123 28.81 -4.71 -17.28
CA ALA B 123 28.55 -3.55 -18.11
C ALA B 123 28.21 -2.33 -17.26
N SER B 124 28.55 -1.16 -17.78
CA SER B 124 28.31 0.08 -17.07
C SER B 124 26.91 0.61 -17.32
N THR B 125 26.42 1.38 -16.37
CA THR B 125 25.17 2.11 -16.55
CA THR B 125 25.17 2.09 -16.55
C THR B 125 25.32 3.08 -17.70
N LYS B 126 24.27 3.16 -18.53
CA LYS B 126 24.27 4.10 -19.65
C LYS B 126 22.84 4.57 -19.87
N GLY B 127 22.68 5.88 -19.96
CA GLY B 127 21.37 6.46 -20.19
C GLY B 127 21.03 6.43 -21.67
N PRO B 128 19.73 6.38 -21.98
CA PRO B 128 19.32 6.28 -23.39
C PRO B 128 19.32 7.63 -24.10
N SER B 129 19.35 7.53 -25.42
CA SER B 129 18.94 8.61 -26.31
C SER B 129 17.48 8.37 -26.67
N VAL B 130 16.73 9.45 -26.83
CA VAL B 130 15.30 9.42 -27.17
C VAL B 130 15.10 10.08 -28.53
N PHE B 131 14.64 9.30 -29.50
CA PHE B 131 14.48 9.74 -30.86
C PHE B 131 13.01 9.70 -31.26
N PRO B 132 12.53 10.67 -32.01
CA PRO B 132 11.14 10.62 -32.44
C PRO B 132 10.89 9.62 -33.57
N LEU B 133 9.71 9.04 -33.53
CA LEU B 133 9.15 8.27 -34.63
C LEU B 133 8.03 9.16 -35.15
N ALA B 134 8.34 9.99 -36.15
CA ALA B 134 7.42 11.05 -36.51
C ALA B 134 6.25 10.50 -37.30
N PRO B 135 5.05 11.07 -37.13
CA PRO B 135 3.92 10.62 -37.94
C PRO B 135 4.16 10.95 -39.41
N SER B 136 3.76 10.02 -40.27
CA SER B 136 3.98 10.16 -41.71
C SER B 136 3.05 11.22 -42.29
N SER B 137 3.50 11.83 -43.37
CA SER B 137 2.67 12.74 -44.15
C SER B 137 1.73 12.01 -45.09
N GLY B 143 -8.69 7.80 -40.77
CA GLY B 143 -8.00 9.03 -40.44
C GLY B 143 -7.22 8.91 -39.14
N THR B 144 -6.40 7.86 -39.04
CA THR B 144 -5.55 7.63 -37.88
C THR B 144 -4.09 7.58 -38.30
N ALA B 145 -3.23 8.14 -37.45
CA ALA B 145 -1.81 8.21 -37.66
C ALA B 145 -1.09 7.57 -36.48
N ALA B 146 0.09 7.01 -36.75
CA ALA B 146 0.93 6.44 -35.72
C ALA B 146 2.18 7.29 -35.54
N LEU B 147 2.57 7.45 -34.28
CA LEU B 147 3.81 8.15 -33.95
C LEU B 147 4.38 7.50 -32.70
N GLY B 148 5.61 7.85 -32.39
CA GLY B 148 6.21 7.22 -31.23
C GLY B 148 7.54 7.80 -30.89
N CYS B 149 8.21 7.10 -29.96
CA CYS B 149 9.54 7.41 -29.49
CA CYS B 149 9.57 7.41 -29.62
C CYS B 149 10.39 6.14 -29.43
N LEU B 150 11.62 6.24 -29.91
CA LEU B 150 12.59 5.17 -29.86
C LEU B 150 13.55 5.51 -28.75
N VAL B 151 13.59 4.67 -27.72
CA VAL B 151 14.44 4.87 -26.55
C VAL B 151 15.62 3.92 -26.70
N LYS B 152 16.77 4.46 -27.08
CA LYS B 152 17.84 3.62 -27.59
C LYS B 152 19.07 3.67 -26.72
N ASP B 153 19.69 2.50 -26.55
CA ASP B 153 21.06 2.34 -26.06
C ASP B 153 21.18 2.66 -24.57
N TYR B 154 20.50 1.87 -23.75
CA TYR B 154 20.59 2.05 -22.31
C TYR B 154 20.91 0.75 -21.60
N PHE B 155 21.35 0.90 -20.35
CA PHE B 155 21.66 -0.24 -19.50
C PHE B 155 21.70 0.24 -18.07
N PRO B 156 21.22 -0.52 -17.10
CA PRO B 156 20.42 -1.73 -17.16
C PRO B 156 18.96 -1.39 -17.43
N GLU B 157 18.10 -2.40 -17.49
CA GLU B 157 16.67 -2.22 -17.36
C GLU B 157 16.36 -1.60 -16.00
N PRO B 158 15.23 -0.88 -15.86
CA PRO B 158 14.16 -0.60 -16.79
C PRO B 158 14.06 0.86 -17.21
N VAL B 159 13.34 1.06 -18.31
CA VAL B 159 12.87 2.35 -18.78
C VAL B 159 11.36 2.35 -18.66
N THR B 160 10.78 3.49 -18.28
CA THR B 160 9.35 3.69 -18.40
C THR B 160 9.05 4.82 -19.39
N VAL B 161 7.94 4.67 -20.10
CA VAL B 161 7.44 5.68 -21.03
C VAL B 161 5.98 5.97 -20.73
N SER B 162 5.64 7.25 -20.73
CA SER B 162 4.24 7.71 -20.74
C SER B 162 4.11 8.73 -21.87
N TRP B 163 2.87 9.11 -22.15
CA TRP B 163 2.54 10.10 -23.17
C TRP B 163 1.75 11.23 -22.54
N ASN B 164 2.20 12.45 -22.81
CA ASN B 164 1.52 13.66 -22.34
C ASN B 164 1.32 13.58 -20.83
N SER B 165 2.39 13.18 -20.15
CA SER B 165 2.46 13.08 -18.70
C SER B 165 1.35 12.20 -18.13
N GLY B 166 0.95 11.18 -18.90
CA GLY B 166 -0.08 10.27 -18.46
C GLY B 166 -1.48 10.60 -18.92
N ALA B 167 -1.69 11.75 -19.55
CA ALA B 167 -3.02 12.12 -20.02
C ALA B 167 -3.42 11.34 -21.26
N LEU B 168 -2.47 10.77 -21.98
CA LEU B 168 -2.72 10.02 -23.21
C LEU B 168 -2.40 8.57 -22.91
N THR B 169 -3.44 7.74 -22.85
CA THR B 169 -3.26 6.32 -22.59
C THR B 169 -3.93 5.48 -23.65
N SER B 170 -4.97 5.99 -24.30
CA SER B 170 -5.65 5.22 -25.34
C SER B 170 -4.77 5.06 -26.57
N GLY B 171 -4.65 3.83 -27.05
CA GLY B 171 -3.90 3.58 -28.25
C GLY B 171 -2.40 3.53 -28.06
N VAL B 172 -1.93 3.53 -26.82
CA VAL B 172 -0.49 3.49 -26.53
C VAL B 172 -0.03 2.05 -26.48
N HIS B 173 1.11 1.77 -27.12
CA HIS B 173 1.78 0.47 -27.04
C HIS B 173 3.24 0.71 -26.73
N THR B 174 3.69 0.29 -25.55
CA THR B 174 5.09 0.40 -25.16
C THR B 174 5.65 -1.00 -25.16
N PHE B 175 6.59 -1.25 -26.03
CA PHE B 175 7.11 -2.58 -26.30
C PHE B 175 8.12 -3.00 -25.26
N PRO B 176 8.19 -4.30 -24.97
CA PRO B 176 9.28 -4.78 -24.12
C PRO B 176 10.61 -4.43 -24.72
N ALA B 177 11.57 -4.17 -23.85
CA ALA B 177 12.91 -3.87 -24.33
C ALA B 177 13.52 -5.08 -25.01
N VAL B 178 14.38 -4.81 -26.00
CA VAL B 178 15.17 -5.83 -26.69
C VAL B 178 16.63 -5.58 -26.33
N LEU B 179 17.34 -6.64 -25.99
CA LEU B 179 18.79 -6.54 -25.82
C LEU B 179 19.46 -6.60 -27.19
N GLN B 180 20.17 -5.54 -27.54
CA GLN B 180 20.82 -5.43 -28.84
C GLN B 180 22.12 -6.21 -28.81
N SER B 181 22.64 -6.52 -30.00
CA SER B 181 23.90 -7.26 -30.06
C SER B 181 25.03 -6.50 -29.39
N SER B 182 24.90 -5.17 -29.27
CA SER B 182 25.86 -4.35 -28.58
C SER B 182 25.88 -4.54 -27.07
N GLY B 183 24.90 -5.22 -26.50
CA GLY B 183 24.80 -5.35 -25.07
C GLY B 183 24.00 -4.25 -24.41
N LEU B 184 23.46 -3.33 -25.17
CA LEU B 184 22.58 -2.29 -24.66
C LEU B 184 21.15 -2.58 -25.05
N TYR B 185 20.21 -2.08 -24.25
CA TYR B 185 18.80 -2.25 -24.54
C TYR B 185 18.26 -1.13 -25.42
N SER B 186 17.15 -1.43 -26.10
CA SER B 186 16.37 -0.44 -26.80
CA SER B 186 16.37 -0.44 -26.80
C SER B 186 14.90 -0.82 -26.71
N LEU B 187 14.00 0.15 -26.65
CA LEU B 187 12.57 -0.17 -26.91
C LEU B 187 11.98 0.97 -27.65
N SER B 188 10.76 0.82 -28.12
CA SER B 188 9.95 1.87 -28.71
CA SER B 188 9.94 1.86 -28.70
C SER B 188 8.60 1.91 -27.99
N SER B 189 8.02 3.09 -27.98
CA SER B 189 6.66 3.33 -27.51
C SER B 189 5.94 4.07 -28.63
N VAL B 190 4.74 3.61 -28.97
CA VAL B 190 3.97 4.18 -30.07
C VAL B 190 2.56 4.49 -29.57
N VAL B 191 1.90 5.36 -30.31
CA VAL B 191 0.50 5.69 -30.06
C VAL B 191 -0.15 6.01 -31.40
N THR B 192 -1.42 5.64 -31.54
CA THR B 192 -2.21 5.99 -32.71
C THR B 192 -3.18 7.09 -32.31
N VAL B 193 -3.28 8.11 -33.17
CA VAL B 193 -4.05 9.32 -32.87
C VAL B 193 -4.79 9.76 -34.12
N PRO B 194 -5.78 10.63 -33.97
CA PRO B 194 -6.49 11.14 -35.16
C PRO B 194 -5.54 11.94 -36.04
N SER B 195 -5.56 11.63 -37.34
CA SER B 195 -4.75 12.40 -38.28
C SER B 195 -5.07 13.88 -38.20
N SER B 196 -6.35 14.21 -37.98
CA SER B 196 -6.77 15.60 -37.90
C SER B 196 -6.07 16.37 -36.78
N SER B 197 -5.60 15.65 -35.74
CA SER B 197 -4.94 16.29 -34.61
C SER B 197 -3.49 16.64 -34.87
N LEU B 198 -2.89 16.12 -35.94
CA LEU B 198 -1.46 16.29 -36.12
C LEU B 198 -1.15 17.76 -36.36
N GLY B 199 -0.12 18.26 -35.68
CA GLY B 199 0.31 19.64 -35.80
C GLY B 199 -0.43 20.60 -34.91
N THR B 200 -1.58 20.20 -34.38
CA THR B 200 -2.35 21.00 -33.44
C THR B 200 -2.21 20.47 -32.02
N GLN B 201 -2.53 19.19 -31.79
CA GLN B 201 -2.32 18.58 -30.49
C GLN B 201 -0.86 18.22 -30.30
N THR B 202 -0.29 18.62 -29.16
CA THR B 202 1.10 18.32 -28.86
C THR B 202 1.19 16.91 -28.29
N TYR B 203 2.14 16.13 -28.79
CA TYR B 203 2.41 14.78 -28.31
C TYR B 203 3.83 14.73 -27.77
N ILE B 204 3.94 14.42 -26.49
CA ILE B 204 5.21 14.36 -25.80
C ILE B 204 5.36 12.98 -25.18
N CYS B 205 6.47 12.33 -25.45
CA CYS B 205 6.78 11.10 -24.76
CA CYS B 205 6.84 11.08 -24.80
C CYS B 205 7.70 11.40 -23.58
N ASN B 206 7.29 10.90 -22.42
CA ASN B 206 7.98 11.08 -21.15
C ASN B 206 8.76 9.82 -20.85
N VAL B 207 10.07 9.92 -20.89
CA VAL B 207 10.98 8.78 -20.74
C VAL B 207 11.72 8.92 -19.43
N ASN B 208 11.73 7.85 -18.63
CA ASN B 208 12.54 7.84 -17.42
C ASN B 208 13.41 6.59 -17.41
N HIS B 209 14.70 6.79 -17.20
CA HIS B 209 15.66 5.72 -16.94
C HIS B 209 16.29 6.02 -15.59
N LYS B 210 15.61 5.58 -14.53
CA LYS B 210 16.09 5.90 -13.19
C LYS B 210 17.49 5.36 -12.91
N PRO B 211 17.92 4.21 -13.45
CA PRO B 211 19.27 3.75 -13.15
C PRO B 211 20.37 4.73 -13.53
N SER B 212 20.17 5.57 -14.55
CA SER B 212 21.12 6.60 -14.92
C SER B 212 20.64 7.99 -14.55
N ASN B 213 19.52 8.09 -13.84
CA ASN B 213 18.89 9.39 -13.54
C ASN B 213 18.71 10.22 -14.79
N THR B 214 18.30 9.57 -15.88
CA THR B 214 17.97 10.21 -17.14
C THR B 214 16.45 10.34 -17.21
N LYS B 215 15.97 11.56 -17.40
CA LYS B 215 14.56 11.83 -17.55
C LYS B 215 14.41 12.84 -18.68
N VAL B 216 13.60 12.50 -19.69
CA VAL B 216 13.47 13.31 -20.91
C VAL B 216 12.00 13.40 -21.29
N ASP B 217 11.54 14.60 -21.63
CA ASP B 217 10.26 14.79 -22.30
C ASP B 217 10.51 15.25 -23.73
N LYS B 218 10.09 14.45 -24.72
CA LYS B 218 10.42 14.67 -26.13
C LYS B 218 9.15 14.96 -26.92
N LYS B 219 9.08 16.14 -27.53
CA LYS B 219 7.98 16.44 -28.44
C LYS B 219 8.15 15.70 -29.76
N VAL B 220 7.10 15.00 -30.18
CA VAL B 220 7.09 14.27 -31.45
C VAL B 220 6.14 14.99 -32.39
N GLU B 221 6.70 15.51 -33.47
CA GLU B 221 5.94 16.32 -34.42
C GLU B 221 6.09 15.77 -35.82
N PRO B 222 5.14 16.07 -36.71
CA PRO B 222 5.36 15.73 -38.13
C PRO B 222 6.60 16.35 -38.75
N GLU C 2 -1.51 0.43 -8.37
CA GLU C 2 -1.33 1.59 -7.48
C GLU C 2 0.10 1.53 -6.91
N ILE C 3 0.61 2.68 -6.46
CA ILE C 3 1.91 2.75 -5.79
C ILE C 3 1.68 2.52 -4.30
N VAL C 4 2.23 1.43 -3.77
CA VAL C 4 2.14 1.12 -2.36
C VAL C 4 3.27 1.87 -1.67
N LEU C 5 2.94 2.55 -0.58
CA LEU C 5 3.90 3.25 0.24
C LEU C 5 3.93 2.61 1.61
N THR C 6 5.10 2.13 2.04
CA THR C 6 5.25 1.53 3.34
C THR C 6 6.29 2.31 4.12
N GLN C 7 5.90 2.78 5.30
CA GLN C 7 6.76 3.56 6.17
C GLN C 7 7.44 2.71 7.22
N SER C 8 8.59 3.16 7.68
CA SER C 8 9.32 2.48 8.73
C SER C 8 10.16 3.51 9.46
N PRO C 9 10.42 3.28 10.74
CA PRO C 9 9.79 2.20 11.51
C PRO C 9 8.31 2.52 11.76
N GLY C 10 7.53 1.56 12.26
CA GLY C 10 6.16 1.87 12.62
C GLY C 10 6.08 2.82 13.80
N THR C 11 6.99 2.66 14.77
CA THR C 11 7.10 3.49 15.96
C THR C 11 8.58 3.82 16.14
N LEU C 12 8.88 5.09 16.36
CA LEU C 12 10.24 5.58 16.52
C LEU C 12 10.29 6.29 17.85
N SER C 13 11.12 5.81 18.76
CA SER C 13 11.22 6.33 20.11
C SER C 13 12.55 7.05 20.26
N LEU C 14 12.50 8.37 20.45
CA LEU C 14 13.70 9.20 20.49
C LEU C 14 13.58 10.24 21.59
N SER C 15 14.73 10.67 22.11
CA SER C 15 14.74 11.73 23.11
C SER C 15 14.59 13.10 22.46
N PRO C 16 13.97 14.06 23.15
CA PRO C 16 13.97 15.43 22.63
C PRO C 16 15.40 15.86 22.35
N GLY C 17 15.59 16.63 21.29
CA GLY C 17 16.92 17.07 20.87
C GLY C 17 17.64 16.17 19.91
N GLU C 18 17.18 14.93 19.72
CA GLU C 18 17.82 13.99 18.83
C GLU C 18 17.41 14.23 17.38
N ARG C 19 18.24 13.76 16.47
CA ARG C 19 17.91 13.74 15.05
CA ARG C 19 17.90 13.75 15.06
C ARG C 19 16.99 12.56 14.79
N ALA C 20 15.97 12.78 13.96
CA ALA C 20 15.05 11.72 13.56
C ALA C 20 15.09 11.48 12.06
N THR C 21 15.07 10.21 11.68
CA THR C 21 15.05 9.77 10.29
C THR C 21 13.85 8.85 10.10
N LEU C 22 12.91 9.28 9.25
CA LEU C 22 11.69 8.53 8.96
C LEU C 22 11.71 8.09 7.50
N SER C 23 11.39 6.83 7.22
CA SER C 23 11.49 6.29 5.87
CA SER C 23 11.50 6.27 5.87
C SER C 23 10.13 6.04 5.25
N CYS C 24 10.05 6.24 3.93
CA CYS C 24 8.87 5.98 3.12
C CYS C 24 9.38 5.25 1.89
N ARG C 25 8.91 4.04 1.68
CA ARG C 25 9.39 3.20 0.58
C ARG C 25 8.26 2.83 -0.34
N ALA C 26 8.51 2.92 -1.65
CA ALA C 26 7.47 2.73 -2.65
C ALA C 26 7.63 1.44 -3.44
N SER C 27 6.51 0.89 -3.86
CA SER C 27 6.51 -0.34 -4.69
C SER C 27 6.92 -0.09 -6.14
N GLN C 28 6.95 1.16 -6.57
CA GLN C 28 7.31 1.54 -7.94
C GLN C 28 8.08 2.83 -7.80
N SER C 29 9.13 3.01 -8.60
CA SER C 29 9.88 4.25 -8.53
CA SER C 29 9.90 4.25 -8.58
C SER C 29 9.05 5.41 -9.05
N PHE C 30 9.23 6.57 -8.43
CA PHE C 30 8.53 7.77 -8.92
C PHE C 30 9.33 9.00 -8.54
N SER C 31 8.83 10.15 -8.99
CA SER C 31 9.54 11.42 -8.87
C SER C 31 9.49 11.97 -7.44
N SER C 32 10.63 12.46 -6.96
CA SER C 32 10.68 13.15 -5.67
C SER C 32 9.78 14.38 -5.64
N PHE C 33 9.48 14.94 -6.79
CA PHE C 33 8.63 16.11 -6.84
C PHE C 33 7.16 15.78 -6.66
N SER C 34 6.83 14.51 -6.45
CA SER C 34 5.45 14.02 -6.33
C SER C 34 5.14 13.51 -4.92
N LEU C 35 5.99 13.81 -3.95
CA LEU C 35 5.85 13.30 -2.59
C LEU C 35 5.57 14.44 -1.61
N ALA C 36 4.66 14.18 -0.68
CA ALA C 36 4.38 15.09 0.42
C ALA C 36 4.39 14.34 1.74
N TRP C 37 4.67 15.06 2.79
CA TRP C 37 4.57 14.50 4.15
C TRP C 37 3.59 15.31 4.95
N TYR C 38 2.90 14.62 5.86
CA TYR C 38 1.88 15.21 6.74
C TYR C 38 2.14 14.80 8.17
N GLN C 39 1.80 15.69 9.09
CA GLN C 39 1.94 15.48 10.54
C GLN C 39 0.56 15.46 11.15
N GLN C 40 0.28 14.47 12.02
CA GLN C 40 -1.02 14.41 12.68
C GLN C 40 -0.83 14.18 14.18
N LYS C 41 -1.37 15.08 14.99
CA LYS C 41 -1.45 14.91 16.43
C LYS C 41 -2.81 14.39 16.83
N PRO C 42 -2.92 13.73 17.99
CA PRO C 42 -4.20 13.08 18.31
C PRO C 42 -5.35 14.07 18.43
N GLY C 43 -6.53 13.66 17.89
CA GLY C 43 -7.73 14.50 17.91
C GLY C 43 -7.72 15.54 16.81
N GLN C 44 -6.64 15.70 16.03
CA GLN C 44 -6.53 16.79 15.07
C GLN C 44 -6.44 16.23 13.66
N ALA C 45 -6.68 17.10 12.70
CA ALA C 45 -6.48 16.68 11.32
C ALA C 45 -5.00 16.69 10.97
N PRO C 46 -4.62 15.92 9.96
CA PRO C 46 -3.27 16.05 9.42
C PRO C 46 -3.00 17.48 8.99
N ARG C 47 -1.72 17.86 9.03
CA ARG C 47 -1.26 19.12 8.45
C ARG C 47 -0.09 18.86 7.51
N LEU C 48 -0.12 19.57 6.40
CA LEU C 48 0.97 19.50 5.44
C LEU C 48 2.26 19.95 6.08
N LEU C 49 3.31 19.16 5.88
CA LEU C 49 4.60 19.41 6.49
C LEU C 49 5.60 19.88 5.44
N ILE C 50 6.06 18.99 4.56
CA ILE C 50 6.99 19.35 3.48
C ILE C 50 6.53 18.64 2.22
N TYR C 51 6.98 19.12 1.06
CA TYR C 51 6.55 18.54 -0.21
C TYR C 51 7.47 18.93 -1.36
N ALA C 52 7.63 18.00 -2.27
CA ALA C 52 8.04 18.22 -3.67
C ALA C 52 9.37 18.93 -3.88
N PRO C 53 10.47 18.50 -3.24
CA PRO C 53 10.58 17.43 -2.25
C PRO C 53 10.62 17.98 -0.85
N SER C 54 11.05 19.22 -0.70
CA SER C 54 11.36 19.72 0.64
C SER C 54 10.90 21.17 0.81
N ASN C 55 9.94 21.62 0.00
CA ASN C 55 9.28 22.88 0.28
C ASN C 55 8.50 22.77 1.58
N ARG C 56 8.56 23.81 2.40
CA ARG C 56 7.88 23.77 3.68
C ARG C 56 6.54 24.51 3.63
N ALA C 57 5.52 23.90 4.23
CA ALA C 57 4.22 24.53 4.34
C ALA C 57 4.31 25.69 5.33
N THR C 58 3.29 26.55 5.30
CA THR C 58 3.27 27.69 6.20
C THR C 58 3.39 27.23 7.64
N GLY C 59 4.31 27.84 8.37
CA GLY C 59 4.48 27.56 9.78
C GLY C 59 5.43 26.43 10.10
N ILE C 60 6.05 25.81 9.10
CA ILE C 60 6.86 24.62 9.32
C ILE C 60 8.33 25.02 9.33
N ALA C 61 9.00 24.65 10.42
CA ALA C 61 10.39 25.03 10.64
C ALA C 61 11.35 24.33 9.68
N ASP C 62 12.51 24.95 9.48
CA ASP C 62 13.49 24.39 8.56
C ASP C 62 14.18 23.16 9.12
N ARG C 63 13.90 22.75 10.35
CA ARG C 63 14.47 21.49 10.85
C ARG C 63 13.87 20.28 10.14
N PHE C 64 12.80 20.45 9.38
CA PHE C 64 12.20 19.37 8.61
C PHE C 64 12.72 19.43 7.19
N SER C 65 13.27 18.31 6.70
CA SER C 65 13.71 18.25 5.32
C SER C 65 13.49 16.87 4.72
N GLY C 66 13.29 16.85 3.40
CA GLY C 66 13.03 15.62 2.68
C GLY C 66 14.14 15.30 1.71
N SER C 67 14.43 14.01 1.54
CA SER C 67 15.48 13.59 0.64
C SER C 67 15.11 12.22 0.07
N GLY C 68 15.89 11.77 -0.90
CA GLY C 68 15.72 10.47 -1.51
C GLY C 68 15.18 10.56 -2.92
N SER C 69 15.17 9.41 -3.57
CA SER C 69 14.75 9.30 -4.96
C SER C 69 14.39 7.85 -5.25
N GLY C 70 13.72 7.65 -6.38
CA GLY C 70 13.44 6.31 -6.85
C GLY C 70 12.34 5.68 -6.03
N THR C 71 12.71 4.73 -5.17
CA THR C 71 11.73 4.10 -4.28
C THR C 71 11.92 4.44 -2.82
N ASP C 72 13.01 5.11 -2.42
CA ASP C 72 13.41 5.24 -1.02
C ASP C 72 13.46 6.70 -0.64
N PHE C 73 12.50 7.16 0.17
CA PHE C 73 12.41 8.55 0.57
C PHE C 73 12.53 8.67 2.08
N THR C 74 13.03 9.81 2.52
CA THR C 74 13.33 10.06 3.93
CA THR C 74 13.32 10.06 3.93
C THR C 74 12.83 11.43 4.34
N LEU C 75 12.21 11.49 5.52
CA LEU C 75 11.97 12.74 6.23
C LEU C 75 12.99 12.82 7.36
N THR C 76 13.76 13.90 7.40
CA THR C 76 14.72 14.11 8.47
C THR C 76 14.28 15.29 9.34
N ILE C 77 14.29 15.10 10.65
CA ILE C 77 14.05 16.17 11.61
C ILE C 77 15.39 16.39 12.30
N SER C 78 16.02 17.55 12.04
CA SER C 78 17.43 17.71 12.44
C SER C 78 17.59 17.68 13.96
N ARG C 79 16.60 18.20 14.68
CA ARG C 79 16.64 18.25 16.13
C ARG C 79 15.19 18.23 16.62
N LEU C 80 14.79 17.18 17.30
CA LEU C 80 13.41 17.03 17.76
C LEU C 80 13.08 18.07 18.83
N GLU C 81 12.02 18.84 18.60
CA GLU C 81 11.39 19.67 19.60
C GLU C 81 10.16 18.99 20.15
N PRO C 82 9.71 19.35 21.35
CA PRO C 82 8.55 18.65 21.95
C PRO C 82 7.31 18.62 21.06
N GLU C 83 7.11 19.65 20.24
CA GLU C 83 5.92 19.73 19.40
C GLU C 83 6.02 18.80 18.19
N ASP C 84 7.17 18.17 17.98
CA ASP C 84 7.37 17.31 16.82
C ASP C 84 6.94 15.87 17.01
N PHE C 85 6.63 15.46 18.22
CA PHE C 85 6.21 14.10 18.46
C PHE C 85 4.76 13.99 18.05
N ALA C 86 4.49 13.11 17.08
CA ALA C 86 3.25 13.07 16.33
C ALA C 86 3.31 11.85 15.43
N VAL C 87 2.25 11.60 14.69
CA VAL C 87 2.27 10.60 13.63
C VAL C 87 2.56 11.30 12.31
N TYR C 88 3.42 10.70 11.50
CA TYR C 88 3.81 11.24 10.20
C TYR C 88 3.37 10.30 9.10
N TYR C 89 2.79 10.85 8.04
CA TYR C 89 2.33 10.11 6.86
C TYR C 89 3.03 10.64 5.62
N CYS C 90 3.51 9.76 4.77
CA CYS C 90 3.92 10.18 3.43
C CYS C 90 2.77 9.93 2.44
N GLN C 91 2.86 10.61 1.30
CA GLN C 91 1.81 10.59 0.31
C GLN C 91 2.43 10.83 -1.06
N GLN C 92 1.98 10.12 -2.07
CA GLN C 92 2.36 10.43 -3.44
C GLN C 92 1.13 10.86 -4.21
N TYR C 93 1.30 11.88 -5.06
CA TYR C 93 0.20 12.45 -5.83
C TYR C 93 0.55 12.57 -7.30
N GLY C 94 1.62 11.93 -7.74
CA GLY C 94 1.98 12.03 -9.14
C GLY C 94 1.39 10.95 -10.02
N SER C 95 0.75 9.95 -9.43
CA SER C 95 0.12 8.87 -10.17
CA SER C 95 0.12 8.87 -10.17
C SER C 95 -1.22 8.56 -9.53
N SER C 96 -2.16 8.11 -10.36
CA SER C 96 -3.47 7.74 -9.84
C SER C 96 -3.52 6.26 -9.55
N PRO C 97 -4.12 5.87 -8.42
CA PRO C 97 -4.72 6.75 -7.41
C PRO C 97 -3.72 7.33 -6.41
N ILE C 98 -4.10 8.45 -5.79
CA ILE C 98 -3.38 8.96 -4.63
CA ILE C 98 -3.37 8.96 -4.64
C ILE C 98 -3.21 7.86 -3.61
N THR C 99 -2.02 7.77 -3.02
CA THR C 99 -1.80 6.80 -1.96
C THR C 99 -0.99 7.41 -0.82
N PHE C 100 -1.19 6.86 0.38
CA PHE C 100 -0.54 7.26 1.62
C PHE C 100 0.22 6.08 2.21
N GLY C 101 1.32 6.38 2.88
CA GLY C 101 1.94 5.42 3.76
C GLY C 101 1.00 5.16 4.94
N GLN C 102 1.31 4.11 5.70
CA GLN C 102 0.46 3.70 6.83
C GLN C 102 0.75 4.45 8.11
N GLY C 103 1.76 5.32 8.11
CA GLY C 103 2.09 6.17 9.24
C GLY C 103 3.24 5.66 10.08
N THR C 104 4.03 6.58 10.60
CA THR C 104 5.04 6.32 11.62
C THR C 104 4.75 7.15 12.84
N ARG C 105 4.70 6.53 14.01
CA ARG C 105 4.48 7.26 15.26
C ARG C 105 5.83 7.61 15.88
N LEU C 106 6.09 8.90 16.19
CA LEU C 106 7.32 9.37 16.87
C LEU C 106 6.93 9.61 18.35
N GLU C 107 7.47 8.84 19.27
CA GLU C 107 7.11 8.90 20.69
C GLU C 107 8.35 9.36 21.46
N ILE C 108 8.16 9.92 22.64
CA ILE C 108 9.26 10.50 23.40
C ILE C 108 9.92 9.44 24.28
N LYS C 109 11.25 9.31 24.17
CA LYS C 109 12.04 8.39 25.02
C LYS C 109 12.34 9.17 26.31
N ARG C 110 12.01 8.63 27.48
CA ARG C 110 12.31 9.26 28.75
C ARG C 110 12.78 8.16 29.70
N THR C 111 13.13 8.59 30.92
CA THR C 111 13.63 7.67 31.93
C THR C 111 12.47 6.84 32.48
N VAL C 112 12.82 5.67 33.03
CA VAL C 112 11.80 4.82 33.64
C VAL C 112 11.08 5.56 34.76
N ALA C 113 9.77 5.36 34.84
CA ALA C 113 8.89 5.95 35.85
C ALA C 113 7.92 4.86 36.28
N ALA C 114 7.89 4.54 37.58
CA ALA C 114 6.98 3.51 38.05
C ALA C 114 5.56 4.04 38.15
N PRO C 115 4.56 3.20 37.89
CA PRO C 115 3.18 3.64 38.04
C PRO C 115 2.78 3.79 39.50
N SER C 116 1.87 4.72 39.74
CA SER C 116 1.11 4.78 40.98
CA SER C 116 1.12 4.77 40.99
C SER C 116 -0.21 4.07 40.75
N VAL C 117 -0.56 3.14 41.62
CA VAL C 117 -1.68 2.24 41.37
C VAL C 117 -2.84 2.53 42.32
N PHE C 118 -4.04 2.48 41.77
CA PHE C 118 -5.27 2.73 42.52
C PHE C 118 -6.32 1.71 42.09
N ILE C 119 -7.13 1.24 43.03
CA ILE C 119 -8.23 0.34 42.72
C ILE C 119 -9.55 0.95 43.18
N PHE C 120 -10.61 0.73 42.40
CA PHE C 120 -11.92 1.33 42.64
C PHE C 120 -12.98 0.23 42.63
N PRO C 121 -13.69 0.01 43.71
CA PRO C 121 -14.80 -0.91 43.66
C PRO C 121 -15.91 -0.39 42.76
N PRO C 122 -16.84 -1.25 42.34
CA PRO C 122 -18.06 -0.76 41.69
C PRO C 122 -18.79 0.19 42.61
N SER C 123 -19.34 1.23 42.01
CA SER C 123 -20.18 2.17 42.75
C SER C 123 -21.51 1.53 43.14
N ASP C 124 -22.06 2.01 44.25
CA ASP C 124 -23.41 1.57 44.62
C ASP C 124 -24.42 1.90 43.53
N GLU C 125 -24.25 3.03 42.81
CA GLU C 125 -25.17 3.34 41.73
C GLU C 125 -25.11 2.31 40.62
N GLN C 126 -23.91 1.85 40.26
CA GLN C 126 -23.83 0.84 39.22
C GLN C 126 -24.43 -0.49 39.67
N LEU C 127 -24.15 -0.89 40.92
CA LEU C 127 -24.73 -2.14 41.42
C LEU C 127 -26.25 -2.05 41.43
N LYS C 128 -26.79 -0.89 41.85
CA LYS C 128 -28.26 -0.66 41.83
C LYS C 128 -28.75 -0.89 40.40
N SER C 129 -28.00 -0.40 39.38
CA SER C 129 -28.40 -0.56 37.99
C SER C 129 -28.20 -1.98 37.48
N GLY C 130 -27.52 -2.84 38.23
CA GLY C 130 -27.48 -4.26 37.92
C GLY C 130 -26.20 -4.83 37.34
N THR C 131 -25.11 -4.08 37.31
CA THR C 131 -23.85 -4.55 36.74
C THR C 131 -22.72 -4.21 37.68
N ALA C 132 -21.52 -4.77 37.42
CA ALA C 132 -20.36 -4.45 38.24
C ALA C 132 -19.09 -4.27 37.43
N SER C 133 -18.38 -3.17 37.66
CA SER C 133 -17.11 -2.89 37.02
C SER C 133 -16.12 -2.56 38.14
N VAL C 134 -14.99 -3.27 38.16
CA VAL C 134 -13.91 -2.95 39.09
C VAL C 134 -12.80 -2.33 38.25
N VAL C 135 -12.26 -1.21 38.70
CA VAL C 135 -11.31 -0.44 37.89
C VAL C 135 -9.96 -0.37 38.60
N CYS C 136 -8.89 -0.64 37.85
CA CYS C 136 -7.53 -0.51 38.34
C CYS C 136 -6.85 0.56 37.49
N LEU C 137 -6.27 1.56 38.14
CA LEU C 137 -5.62 2.69 37.48
C LEU C 137 -4.13 2.62 37.70
N LEU C 138 -3.36 2.68 36.63
CA LEU C 138 -1.91 2.79 36.66
C LEU C 138 -1.59 4.21 36.18
N ASN C 139 -1.08 5.05 37.05
CA ASN C 139 -0.90 6.45 36.71
C ASN C 139 0.58 6.82 36.51
N ASN C 140 0.84 7.50 35.38
CA ASN C 140 2.09 8.20 35.06
C ASN C 140 3.32 7.28 35.10
N PHE C 141 3.38 6.36 34.16
CA PHE C 141 4.51 5.45 34.10
C PHE C 141 5.18 5.47 32.74
N TYR C 142 6.37 4.89 32.72
CA TYR C 142 7.15 4.75 31.50
C TYR C 142 8.17 3.64 31.66
N PRO C 143 8.36 2.67 30.73
CA PRO C 143 7.75 2.60 29.39
C PRO C 143 6.29 2.11 29.38
N ARG C 144 5.66 2.02 28.22
CA ARG C 144 4.23 1.65 28.11
C ARG C 144 4.04 0.20 28.58
N GLU C 145 5.20 -0.42 28.69
CA GLU C 145 4.89 -1.83 28.94
C GLU C 145 4.42 -2.04 30.38
N ALA C 146 3.35 -2.73 30.59
CA ALA C 146 2.80 -2.96 31.93
C ALA C 146 1.93 -4.20 31.93
N LYS C 147 2.00 -5.01 32.98
CA LYS C 147 1.12 -6.18 33.13
C LYS C 147 0.15 -5.94 34.29
N VAL C 148 -1.12 -6.11 34.08
CA VAL C 148 -2.14 -6.04 35.13
C VAL C 148 -2.75 -7.42 35.28
N GLN C 149 -2.75 -7.94 36.51
CA GLN C 149 -3.35 -9.25 36.81
C GLN C 149 -4.45 -9.05 37.84
N TRP C 150 -5.65 -9.48 37.51
CA TRP C 150 -6.79 -9.40 38.39
C TRP C 150 -6.96 -10.74 39.10
N LYS C 151 -7.29 -10.67 40.39
CA LYS C 151 -7.68 -11.82 41.18
C LYS C 151 -8.94 -11.52 42.00
N VAL C 152 -9.82 -12.51 42.05
CA VAL C 152 -11.05 -12.45 42.85
C VAL C 152 -11.02 -13.68 43.76
N ASP C 153 -11.04 -13.46 45.08
CA ASP C 153 -10.89 -14.58 46.03
C ASP C 153 -9.74 -15.49 45.62
N ASN C 154 -8.63 -14.87 45.22
CA ASN C 154 -7.39 -15.49 44.78
C ASN C 154 -7.50 -16.23 43.45
N ALA C 155 -8.61 -16.15 42.74
CA ALA C 155 -8.71 -16.77 41.43
C ALA C 155 -8.24 -15.78 40.37
N LEU C 156 -7.23 -16.19 39.58
CA LEU C 156 -6.76 -15.41 38.45
C LEU C 156 -7.89 -15.24 37.44
N GLN C 157 -8.16 -14.00 37.07
CA GLN C 157 -9.18 -13.69 36.08
C GLN C 157 -8.56 -13.59 34.72
N SER C 158 -9.11 -14.34 33.77
CA SER C 158 -8.57 -14.38 32.42
CA SER C 158 -8.57 -14.38 32.42
C SER C 158 -9.69 -14.20 31.42
N GLY C 159 -9.65 -13.08 30.69
CA GLY C 159 -10.55 -12.87 29.59
C GLY C 159 -11.68 -11.91 29.85
N ASN C 160 -11.87 -11.48 31.09
CA ASN C 160 -13.00 -10.62 31.47
C ASN C 160 -12.54 -9.22 31.88
N SER C 161 -11.40 -8.77 31.37
CA SER C 161 -10.96 -7.40 31.59
C SER C 161 -10.57 -6.77 30.27
N GLN C 162 -10.66 -5.45 30.23
CA GLN C 162 -10.20 -4.68 29.09
C GLN C 162 -9.38 -3.50 29.59
N GLU C 163 -8.36 -3.12 28.82
CA GLU C 163 -7.56 -1.99 29.24
C GLU C 163 -7.45 -0.96 28.11
N SER C 164 -7.16 0.25 28.55
CA SER C 164 -7.04 1.42 27.70
C SER C 164 -5.86 2.23 28.19
N VAL C 165 -5.11 2.86 27.27
CA VAL C 165 -3.90 3.60 27.60
C VAL C 165 -3.99 4.99 26.97
N THR C 166 -3.55 5.99 27.71
CA THR C 166 -3.52 7.35 27.22
C THR C 166 -2.36 7.54 26.24
N GLU C 167 -2.44 8.65 25.52
CA GLU C 167 -1.27 9.14 24.81
C GLU C 167 -0.25 9.66 25.81
N GLN C 168 1.00 9.79 25.37
CA GLN C 168 2.02 10.33 26.26
C GLN C 168 1.61 11.70 26.75
N ASP C 169 1.84 11.92 28.03
CA ASP C 169 1.46 13.16 28.69
C ASP C 169 2.31 14.33 28.21
N SER C 170 1.64 15.48 28.12
CA SER C 170 2.26 16.69 27.55
C SER C 170 3.47 17.13 28.34
N LYS C 171 3.39 17.08 29.65
CA LYS C 171 4.41 17.62 30.54
C LYS C 171 5.47 16.59 30.88
N ASP C 172 5.09 15.36 31.25
CA ASP C 172 6.11 14.43 31.71
C ASP C 172 6.31 13.22 30.81
N SER C 173 5.61 13.14 29.68
CA SER C 173 5.83 12.11 28.68
C SER C 173 5.53 10.70 29.19
N THR C 174 4.77 10.58 30.27
CA THR C 174 4.41 9.27 30.77
C THR C 174 3.08 8.80 30.15
N TYR C 175 2.76 7.55 30.42
CA TYR C 175 1.49 6.93 30.08
C TYR C 175 0.68 6.71 31.35
N SER C 176 -0.64 6.57 31.16
CA SER C 176 -1.53 6.06 32.19
C SER C 176 -2.40 4.99 31.56
N LEU C 177 -2.91 4.09 32.41
CA LEU C 177 -3.61 2.92 31.93
C LEU C 177 -4.75 2.61 32.88
N SER C 178 -5.90 2.25 32.32
CA SER C 178 -7.05 1.81 33.08
CA SER C 178 -7.03 1.81 33.10
C SER C 178 -7.37 0.39 32.69
N SER C 179 -7.55 -0.49 33.67
CA SER C 179 -7.98 -1.87 33.42
C SER C 179 -9.31 -2.03 34.13
N THR C 180 -10.32 -2.52 33.42
CA THR C 180 -11.66 -2.69 33.96
C THR C 180 -12.03 -4.16 33.92
N LEU C 181 -12.34 -4.70 35.10
CA LEU C 181 -12.83 -6.07 35.27
C LEU C 181 -14.35 -6.04 35.27
N THR C 182 -14.95 -6.82 34.39
CA THR C 182 -16.39 -6.93 34.30
C THR C 182 -16.86 -8.20 34.99
N LEU C 183 -17.78 -8.07 35.92
CA LEU C 183 -18.39 -9.24 36.54
CA LEU C 183 -18.38 -9.23 36.58
C LEU C 183 -19.87 -8.99 36.72
N SER C 184 -20.62 -10.08 36.81
CA SER C 184 -22.03 -9.92 37.10
C SER C 184 -22.17 -9.41 38.53
N LYS C 185 -23.33 -8.81 38.81
CA LYS C 185 -23.61 -8.36 40.17
C LYS C 185 -23.59 -9.53 41.15
N ALA C 186 -24.16 -10.67 40.74
CA ALA C 186 -24.16 -11.84 41.61
C ALA C 186 -22.75 -12.30 41.92
N ASP C 187 -21.88 -12.39 40.91
CA ASP C 187 -20.50 -12.78 41.14
C ASP C 187 -19.79 -11.79 42.05
N TYR C 188 -20.06 -10.49 41.86
CA TYR C 188 -19.44 -9.49 42.73
C TYR C 188 -19.84 -9.68 44.17
N GLU C 189 -21.16 -9.78 44.44
CA GLU C 189 -21.62 -9.88 45.81
C GLU C 189 -21.25 -11.22 46.43
N LYS C 190 -21.01 -12.26 45.62
CA LYS C 190 -20.73 -13.57 46.17
C LYS C 190 -19.24 -13.84 46.40
N HIS C 191 -18.36 -12.91 46.07
CA HIS C 191 -16.96 -13.02 46.40
C HIS C 191 -16.52 -11.83 47.24
N LYS C 192 -15.32 -11.92 47.81
CA LYS C 192 -14.93 -11.00 48.88
C LYS C 192 -13.72 -10.14 48.53
N LEU C 193 -12.59 -10.73 48.11
CA LEU C 193 -11.33 -10.02 47.96
C LEU C 193 -11.06 -9.73 46.48
N TYR C 194 -10.85 -8.46 46.15
CA TYR C 194 -10.65 -8.02 44.78
C TYR C 194 -9.27 -7.40 44.71
N ALA C 195 -8.42 -7.90 43.81
CA ALA C 195 -7.06 -7.39 43.77
C ALA C 195 -6.57 -7.22 42.35
N CYS C 196 -5.81 -6.15 42.15
CA CYS C 196 -5.10 -5.93 40.90
CA CYS C 196 -5.11 -5.83 40.92
C CYS C 196 -3.61 -5.85 41.22
N GLU C 197 -2.85 -6.71 40.53
CA GLU C 197 -1.41 -6.81 40.70
C GLU C 197 -0.73 -6.28 39.45
N VAL C 198 0.19 -5.33 39.64
CA VAL C 198 0.83 -4.61 38.55
C VAL C 198 2.30 -4.98 38.49
N THR C 199 2.75 -5.39 37.30
CA THR C 199 4.16 -5.63 37.01
C THR C 199 4.64 -4.55 36.05
N HIS C 200 5.76 -3.93 36.38
CA HIS C 200 6.31 -2.87 35.53
C HIS C 200 7.81 -2.74 35.80
N GLN C 201 8.55 -2.37 34.76
CA GLN C 201 10.01 -2.24 34.87
C GLN C 201 10.43 -1.36 36.02
N GLY C 202 9.65 -0.32 36.33
CA GLY C 202 9.98 0.63 37.37
C GLY C 202 9.74 0.16 38.79
N LEU C 203 9.14 -1.03 38.91
CA LEU C 203 8.82 -1.63 40.19
C LEU C 203 9.78 -2.79 40.46
N SER C 204 10.46 -2.74 41.61
CA SER C 204 11.36 -3.83 41.98
C SER C 204 10.63 -5.15 42.16
N SER C 205 9.37 -5.11 42.59
CA SER C 205 8.52 -6.29 42.63
C SER C 205 7.08 -5.83 42.39
N PRO C 206 6.20 -6.74 41.96
CA PRO C 206 4.84 -6.32 41.63
C PRO C 206 4.15 -5.65 42.81
N VAL C 207 3.27 -4.70 42.46
CA VAL C 207 2.50 -3.95 43.44
CA VAL C 207 2.49 -3.95 43.44
C VAL C 207 1.05 -4.42 43.34
N THR C 208 0.45 -4.71 44.49
CA THR C 208 -0.95 -5.13 44.56
C THR C 208 -1.76 -4.08 45.31
N LYS C 209 -2.91 -3.72 44.74
CA LYS C 209 -3.92 -2.91 45.41
C LYS C 209 -5.16 -3.76 45.50
N SER C 210 -5.80 -3.74 46.65
CA SER C 210 -6.90 -4.65 46.84
C SER C 210 -7.93 -4.01 47.74
N PHE C 211 -9.12 -4.60 47.72
CA PHE C 211 -10.15 -4.23 48.69
C PHE C 211 -11.00 -5.46 48.97
N ASN C 212 -11.62 -5.45 50.13
CA ASN C 212 -12.64 -6.43 50.50
C ASN C 212 -13.99 -5.78 50.33
N ARG C 213 -14.84 -6.37 49.49
CA ARG C 213 -16.16 -5.84 49.30
C ARG C 213 -16.89 -5.74 50.63
N GLY C 214 -17.48 -4.57 50.88
CA GLY C 214 -18.30 -4.42 52.05
C GLY C 214 -17.52 -4.20 53.32
N GLU C 215 -16.25 -3.84 53.24
CA GLU C 215 -15.44 -3.58 54.42
C GLU C 215 -14.92 -2.14 54.38
N GLN D 1 -6.07 32.25 7.16
CA GLN D 1 -7.51 32.50 7.40
C GLN D 1 -8.32 31.42 6.65
N VAL D 2 -7.68 30.44 5.96
CA VAL D 2 -8.41 29.32 5.36
C VAL D 2 -9.14 28.59 6.46
N GLN D 3 -10.43 28.31 6.22
CA GLN D 3 -11.27 27.51 7.11
C GLN D 3 -12.01 26.46 6.32
N LEU D 4 -12.09 25.24 6.88
CA LEU D 4 -12.83 24.13 6.28
C LEU D 4 -13.55 23.45 7.43
N VAL D 5 -14.88 23.31 7.35
CA VAL D 5 -15.64 22.70 8.44
C VAL D 5 -16.65 21.71 7.86
N GLU D 6 -16.53 20.44 8.25
CA GLU D 6 -17.38 19.37 7.79
C GLU D 6 -18.61 19.20 8.67
N SER D 7 -19.66 18.65 8.06
CA SER D 7 -20.87 18.27 8.79
C SER D 7 -21.53 17.13 8.04
N GLY D 8 -22.51 16.48 8.69
CA GLY D 8 -23.30 15.48 8.00
C GLY D 8 -23.00 14.06 8.43
N GLY D 9 -21.97 13.86 9.19
CA GLY D 9 -21.68 12.53 9.65
C GLY D 9 -22.59 12.17 10.79
N GLY D 10 -22.52 10.90 11.13
CA GLY D 10 -23.34 10.36 12.21
C GLY D 10 -23.50 8.88 11.99
N LEU D 11 -24.42 8.30 12.76
CA LEU D 11 -24.68 6.88 12.69
C LEU D 11 -25.67 6.58 11.57
N VAL D 12 -25.38 5.56 10.79
CA VAL D 12 -26.23 5.14 9.67
C VAL D 12 -26.19 3.63 9.59
N GLN D 13 -27.32 3.02 9.24
CA GLN D 13 -27.37 1.57 9.10
CA GLN D 13 -27.38 1.57 9.10
C GLN D 13 -26.68 1.12 7.81
N PRO D 14 -26.13 -0.10 7.80
CA PRO D 14 -25.57 -0.62 6.56
C PRO D 14 -26.62 -0.59 5.45
N GLY D 15 -26.16 -0.28 4.25
CA GLY D 15 -27.03 0.00 3.12
C GLY D 15 -27.63 1.38 3.08
N GLY D 16 -27.45 2.20 4.10
CA GLY D 16 -28.06 3.51 4.17
C GLY D 16 -27.21 4.56 3.46
N SER D 17 -27.69 5.79 3.57
CA SER D 17 -27.07 6.94 2.89
C SER D 17 -26.83 8.10 3.83
N LEU D 18 -25.81 8.90 3.53
CA LEU D 18 -25.46 10.07 4.35
C LEU D 18 -24.95 11.11 3.37
N ARG D 19 -25.26 12.37 3.52
CA ARG D 19 -24.64 13.45 2.68
CA ARG D 19 -24.64 13.45 2.68
C ARG D 19 -23.72 14.37 3.52
N LEU D 20 -22.40 14.20 3.31
CA LEU D 20 -21.46 15.05 4.00
C LEU D 20 -21.31 16.37 3.26
N SER D 21 -20.99 17.42 4.00
CA SER D 21 -20.70 18.71 3.40
C SER D 21 -19.50 19.31 4.10
N CYS D 22 -18.85 20.22 3.40
CA CYS D 22 -17.71 20.96 3.93
C CYS D 22 -17.86 22.40 3.48
N VAL D 23 -18.12 23.33 4.43
CA VAL D 23 -18.22 24.75 4.13
CA VAL D 23 -18.21 24.75 4.16
C VAL D 23 -16.82 25.33 4.29
N THR D 24 -16.49 26.33 3.44
CA THR D 24 -15.15 26.85 3.35
C THR D 24 -15.16 28.36 3.42
N SER D 25 -14.03 28.92 3.84
CA SER D 25 -13.82 30.36 3.73
C SER D 25 -12.33 30.64 3.64
N GLY D 26 -12.00 31.85 3.23
CA GLY D 26 -10.64 32.30 3.33
C GLY D 26 -9.78 31.99 2.14
N PHE D 27 -10.38 31.52 1.05
CA PHE D 27 -9.69 31.34 -0.21
C PHE D 27 -10.75 31.37 -1.29
N THR D 28 -10.30 31.57 -2.53
CA THR D 28 -11.20 31.60 -3.68
C THR D 28 -11.56 30.17 -4.04
N PHE D 29 -12.74 29.74 -3.64
CA PHE D 29 -13.13 28.34 -3.72
C PHE D 29 -13.05 27.83 -5.15
N ARG D 30 -13.54 28.62 -6.11
CA ARG D 30 -13.58 28.14 -7.48
C ARG D 30 -12.20 28.00 -8.10
N SER D 31 -11.14 28.42 -7.44
CA SER D 31 -9.81 28.29 -8.01
C SER D 31 -9.13 26.96 -7.68
N TYR D 32 -9.68 26.16 -6.76
CA TYR D 32 -8.97 25.00 -6.29
C TYR D 32 -9.79 23.73 -6.39
N ALA D 33 -9.10 22.67 -6.76
CA ALA D 33 -9.61 21.34 -6.54
C ALA D 33 -9.77 21.08 -5.04
N MET D 34 -10.65 20.14 -4.70
CA MET D 34 -10.94 19.76 -3.32
C MET D 34 -11.00 18.25 -3.21
N THR D 35 -10.80 17.74 -1.98
CA THR D 35 -10.58 16.31 -1.77
C THR D 35 -11.23 15.86 -0.48
N TRP D 36 -11.67 14.61 -0.45
CA TRP D 36 -12.05 13.94 0.78
C TRP D 36 -11.05 12.84 1.05
N VAL D 37 -10.61 12.74 2.31
CA VAL D 37 -9.71 11.70 2.83
C VAL D 37 -10.42 11.14 4.05
N ARG D 38 -10.27 9.87 4.31
CA ARG D 38 -10.89 9.30 5.49
C ARG D 38 -9.86 8.53 6.32
N GLN D 39 -10.22 8.33 7.58
CA GLN D 39 -9.36 7.62 8.52
C GLN D 39 -10.24 6.76 9.43
N ALA D 40 -10.12 5.45 9.27
CA ALA D 40 -10.83 4.52 10.12
C ALA D 40 -10.25 4.58 11.52
N PRO D 41 -11.05 4.30 12.58
CA PRO D 41 -10.55 4.39 13.93
C PRO D 41 -9.27 3.59 14.18
N GLY D 42 -8.23 4.26 14.66
CA GLY D 42 -6.92 3.63 14.92
C GLY D 42 -6.11 3.29 13.69
N LYS D 43 -6.51 3.71 12.49
CA LYS D 43 -5.83 3.37 11.24
C LYS D 43 -5.31 4.63 10.59
N GLY D 44 -4.78 4.51 9.40
CA GLY D 44 -4.15 5.64 8.71
C GLY D 44 -5.06 6.31 7.72
N LEU D 45 -4.48 7.20 6.94
CA LEU D 45 -5.23 7.99 5.98
C LEU D 45 -5.49 7.22 4.69
N GLU D 46 -6.68 7.40 4.13
CA GLU D 46 -7.08 6.80 2.86
C GLU D 46 -7.77 7.85 1.99
N TRP D 47 -7.22 8.09 0.80
CA TRP D 47 -7.87 8.99 -0.15
C TRP D 47 -9.20 8.39 -0.60
N VAL D 48 -10.22 9.24 -0.66
CA VAL D 48 -11.57 8.85 -1.05
C VAL D 48 -11.92 9.38 -2.45
N SER D 49 -11.86 10.71 -2.65
CA SER D 49 -12.35 11.30 -3.88
C SER D 49 -11.78 12.70 -4.02
N SER D 50 -11.63 13.17 -5.27
CA SER D 50 -11.24 14.54 -5.53
C SER D 50 -12.07 15.08 -6.67
N ILE D 51 -12.22 16.41 -6.68
CA ILE D 51 -13.02 17.11 -7.70
C ILE D 51 -12.26 18.35 -8.14
N SER D 52 -12.30 18.59 -9.44
CA SER D 52 -11.64 19.76 -9.99
C SER D 52 -12.31 21.04 -9.54
N HIS D 53 -11.59 22.14 -9.74
CA HIS D 53 -12.07 23.47 -9.39
C HIS D 53 -13.46 23.77 -9.99
N SER D 54 -13.71 23.28 -11.21
CA SER D 54 -14.94 23.56 -11.92
C SER D 54 -16.00 22.49 -11.75
N GLY D 55 -15.66 21.38 -11.09
CA GLY D 55 -16.54 20.24 -11.01
C GLY D 55 -16.58 19.36 -12.23
N GLY D 56 -15.82 19.68 -13.27
CA GLY D 56 -15.84 18.93 -14.51
C GLY D 56 -15.05 17.64 -14.51
N SER D 57 -14.20 17.41 -13.50
CA SER D 57 -13.41 16.20 -13.42
C SER D 57 -13.53 15.69 -11.99
N THR D 58 -13.93 14.43 -11.86
CA THR D 58 -14.00 13.77 -10.55
C THR D 58 -13.21 12.48 -10.58
N LYS D 59 -12.65 12.13 -9.42
CA LYS D 59 -11.82 10.96 -9.27
C LYS D 59 -12.20 10.27 -7.96
N TYR D 60 -12.18 8.94 -7.99
CA TYR D 60 -12.64 8.13 -6.86
C TYR D 60 -11.70 6.96 -6.61
N ALA D 61 -11.52 6.63 -5.32
CA ALA D 61 -10.86 5.40 -4.95
C ALA D 61 -11.72 4.21 -5.38
N ASP D 62 -11.04 3.13 -5.80
CA ASP D 62 -11.79 1.97 -6.27
CA ASP D 62 -11.78 1.96 -6.26
C ASP D 62 -12.76 1.47 -5.21
N SER D 63 -12.37 1.57 -3.92
CA SER D 63 -13.19 1.02 -2.83
C SER D 63 -14.55 1.71 -2.72
N VAL D 64 -14.72 2.89 -3.29
CA VAL D 64 -15.93 3.65 -3.11
C VAL D 64 -16.61 3.96 -4.43
N LYS D 65 -16.02 3.58 -5.56
CA LYS D 65 -16.58 3.96 -6.84
C LYS D 65 -18.01 3.43 -6.94
N GLY D 66 -18.90 4.27 -7.45
CA GLY D 66 -20.28 3.92 -7.66
C GLY D 66 -21.17 4.10 -6.46
N ARG D 67 -20.60 4.18 -5.27
CA ARG D 67 -21.38 4.38 -4.05
C ARG D 67 -21.28 5.79 -3.54
N LEU D 68 -20.15 6.44 -3.79
CA LEU D 68 -19.92 7.80 -3.33
C LEU D 68 -19.86 8.73 -4.52
N THR D 69 -20.42 9.93 -4.36
CA THR D 69 -20.39 10.94 -5.40
C THR D 69 -19.94 12.26 -4.78
N ILE D 70 -18.87 12.82 -5.33
CA ILE D 70 -18.36 14.12 -4.93
C ILE D 70 -18.99 15.19 -5.81
N SER D 71 -19.26 16.34 -5.21
CA SER D 71 -19.82 17.48 -5.94
C SER D 71 -19.47 18.75 -5.18
N ARG D 72 -19.75 19.87 -5.82
CA ARG D 72 -19.46 21.16 -5.21
C ARG D 72 -20.45 22.21 -5.71
N ASP D 73 -20.64 23.25 -4.90
CA ASP D 73 -21.56 24.36 -5.18
C ASP D 73 -20.80 25.66 -4.97
N ASP D 74 -20.54 26.37 -6.06
CA ASP D 74 -19.82 27.63 -6.01
C ASP D 74 -20.60 28.71 -5.26
N SER D 75 -21.92 28.75 -5.42
CA SER D 75 -22.71 29.79 -4.77
C SER D 75 -22.63 29.68 -3.25
N MET D 76 -22.37 28.49 -2.71
CA MET D 76 -22.23 28.29 -1.28
C MET D 76 -20.81 28.00 -0.82
N ASP D 77 -19.82 28.00 -1.71
CA ASP D 77 -18.43 27.62 -1.38
C ASP D 77 -18.40 26.34 -0.55
N THR D 78 -19.18 25.36 -1.00
CA THR D 78 -19.38 24.13 -0.25
C THR D 78 -19.04 22.92 -1.10
N LEU D 79 -18.34 21.99 -0.47
CA LEU D 79 -18.01 20.69 -1.03
C LEU D 79 -18.95 19.63 -0.44
N TYR D 80 -19.36 18.67 -1.25
CA TYR D 80 -20.26 17.61 -0.79
C TYR D 80 -19.71 16.23 -1.09
N LEU D 81 -20.16 15.27 -0.29
CA LEU D 81 -19.93 13.85 -0.56
C LEU D 81 -21.25 13.12 -0.30
N GLN D 82 -21.88 12.64 -1.36
CA GLN D 82 -23.08 11.82 -1.23
C GLN D 82 -22.65 10.38 -1.05
N MET D 83 -23.13 9.72 0.00
CA MET D 83 -22.66 8.41 0.40
C MET D 83 -23.84 7.46 0.35
N ASN D 84 -23.82 6.51 -0.59
CA ASN D 84 -24.89 5.52 -0.70
C ASN D 84 -24.36 4.11 -0.44
N SER D 85 -25.28 3.21 -0.12
CA SER D 85 -24.96 1.79 0.02
C SER D 85 -23.79 1.60 0.98
N LEU D 86 -23.89 2.25 2.13
CA LEU D 86 -22.76 2.28 3.04
C LEU D 86 -22.52 0.91 3.68
N ARG D 87 -21.26 0.64 3.98
CA ARG D 87 -20.81 -0.61 4.57
C ARG D 87 -20.08 -0.32 5.87
N ALA D 88 -20.00 -1.32 6.73
CA ALA D 88 -19.27 -1.17 7.98
C ALA D 88 -17.87 -0.61 7.77
N GLU D 89 -17.18 -1.08 6.73
CA GLU D 89 -15.81 -0.64 6.44
C GLU D 89 -15.71 0.80 5.96
N ASP D 90 -16.83 1.47 5.75
CA ASP D 90 -16.85 2.92 5.50
C ASP D 90 -16.83 3.74 6.77
N THR D 91 -16.91 3.12 7.96
CA THR D 91 -16.79 3.85 9.21
C THR D 91 -15.44 4.52 9.29
N ALA D 92 -15.43 5.83 9.59
CA ALA D 92 -14.20 6.61 9.56
C ALA D 92 -14.52 8.06 9.86
N ILE D 93 -13.48 8.80 10.25
CA ILE D 93 -13.52 10.25 10.21
C ILE D 93 -13.29 10.64 8.75
N TYR D 94 -14.15 11.48 8.21
CA TYR D 94 -14.03 11.99 6.85
C TYR D 94 -13.53 13.43 6.94
N TYR D 95 -12.31 13.72 6.45
CA TYR D 95 -11.75 15.08 6.37
C TYR D 95 -12.07 15.62 4.97
N CYS D 96 -12.40 16.90 4.82
CA CYS D 96 -12.30 17.60 3.57
CA CYS D 96 -12.35 17.69 3.61
C CYS D 96 -10.99 18.37 3.56
N ALA D 97 -10.44 18.51 2.37
CA ALA D 97 -9.14 19.13 2.23
C ALA D 97 -9.07 19.95 0.95
N LYS D 98 -8.29 21.00 1.00
CA LYS D 98 -8.09 21.89 -0.16
C LYS D 98 -6.79 21.47 -0.85
N ASP D 99 -6.86 21.27 -2.15
CA ASP D 99 -5.66 20.97 -2.97
C ASP D 99 -4.93 22.28 -3.26
N GLN D 100 -3.68 22.16 -3.66
CA GLN D 100 -2.90 23.36 -3.99
C GLN D 100 -3.18 23.90 -5.39
N ILE D 101 -3.80 23.13 -6.25
CA ILE D 101 -4.00 23.55 -7.64
C ILE D 101 -5.45 23.30 -8.04
N SER D 102 -5.76 23.63 -9.28
CA SER D 102 -7.14 23.53 -9.77
C SER D 102 -7.49 22.15 -10.26
N TYR D 103 -6.50 21.33 -10.60
CA TYR D 103 -6.70 19.97 -11.08
C TYR D 103 -6.76 19.00 -9.92
N PRO D 104 -7.61 17.99 -10.00
CA PRO D 104 -7.81 17.12 -8.83
C PRO D 104 -6.75 16.07 -8.68
N ALA D 105 -6.49 15.72 -7.42
CA ALA D 105 -5.68 14.54 -7.10
C ALA D 105 -4.33 14.58 -7.77
N ALA D 106 -3.69 15.76 -7.72
CA ALA D 106 -2.43 15.97 -8.43
C ALA D 106 -1.52 16.97 -7.73
N SER D 107 -1.71 17.19 -6.43
CA SER D 107 -0.93 18.16 -5.67
C SER D 107 -1.12 17.87 -4.20
N PRO D 108 -0.27 18.44 -3.34
CA PRO D 108 -0.47 18.30 -1.88
C PRO D 108 -1.79 18.90 -1.43
N LEU D 109 -2.24 18.44 -0.27
CA LEU D 109 -3.41 18.95 0.41
C LEU D 109 -2.97 19.96 1.47
N ASP D 110 -2.99 21.26 1.18
CA ASP D 110 -2.37 22.25 2.10
C ASP D 110 -3.28 22.65 3.27
N TYR D 111 -4.59 22.37 3.26
CA TYR D 111 -5.42 22.65 4.43
C TYR D 111 -6.49 21.57 4.56
N TRP D 112 -6.76 21.20 5.81
CA TRP D 112 -7.67 20.12 6.15
C TRP D 112 -8.66 20.58 7.21
N GLY D 113 -9.89 20.12 7.11
CA GLY D 113 -10.82 20.24 8.23
C GLY D 113 -10.54 19.24 9.32
N ARG D 114 -11.19 19.45 10.46
CA ARG D 114 -11.03 18.57 11.59
C ARG D 114 -11.76 17.26 11.45
N GLY D 115 -12.72 17.18 10.54
CA GLY D 115 -13.34 15.93 10.16
C GLY D 115 -14.73 15.74 10.75
N THR D 116 -15.50 14.85 10.12
CA THR D 116 -16.83 14.43 10.58
C THR D 116 -16.86 12.91 10.69
N LEU D 117 -17.31 12.40 11.82
CA LEU D 117 -17.31 10.95 12.04
C LEU D 117 -18.54 10.28 11.44
N VAL D 118 -18.31 9.26 10.63
CA VAL D 118 -19.36 8.44 10.04
C VAL D 118 -19.26 7.06 10.66
N THR D 119 -20.34 6.57 11.27
CA THR D 119 -20.39 5.24 11.86
C THR D 119 -21.47 4.44 11.14
N VAL D 120 -21.07 3.34 10.53
CA VAL D 120 -22.00 2.48 9.80
C VAL D 120 -22.20 1.22 10.64
N SER D 121 -23.40 1.07 11.18
CA SER D 121 -23.68 0.01 12.13
C SER D 121 -25.17 -0.19 12.24
N SER D 122 -25.56 -1.45 12.53
CA SER D 122 -26.95 -1.76 12.81
C SER D 122 -27.31 -1.50 14.28
N ALA D 123 -26.34 -1.21 15.13
CA ALA D 123 -26.64 -0.93 16.53
C ALA D 123 -27.36 0.41 16.67
N SER D 124 -28.18 0.50 17.70
CA SER D 124 -28.97 1.68 17.99
C SER D 124 -28.18 2.63 18.89
N THR D 125 -28.45 3.92 18.74
CA THR D 125 -27.91 4.90 19.68
C THR D 125 -28.34 4.58 21.10
N LYS D 126 -27.41 4.75 22.03
CA LYS D 126 -27.66 4.52 23.45
C LYS D 126 -26.80 5.48 24.26
N GLY D 127 -27.42 6.22 25.17
CA GLY D 127 -26.69 7.12 26.01
C GLY D 127 -26.08 6.41 27.20
N PRO D 128 -24.99 6.94 27.72
CA PRO D 128 -24.26 6.28 28.80
C PRO D 128 -24.88 6.50 30.16
N SER D 129 -24.53 5.60 31.06
CA SER D 129 -24.60 5.88 32.47
C SER D 129 -23.26 6.42 32.96
N VAL D 130 -23.32 7.28 33.95
CA VAL D 130 -22.12 7.91 34.52
C VAL D 130 -22.03 7.49 35.99
N PHE D 131 -20.99 6.75 36.32
CA PHE D 131 -20.80 6.22 37.68
C PHE D 131 -19.54 6.83 38.30
N PRO D 132 -19.56 7.13 39.58
CA PRO D 132 -18.36 7.69 40.22
C PRO D 132 -17.30 6.62 40.47
N LEU D 133 -16.05 7.06 40.37
CA LEU D 133 -14.90 6.31 40.85
C LEU D 133 -14.43 7.11 42.07
N ALA D 134 -14.94 6.73 43.26
CA ALA D 134 -14.78 7.61 44.42
C ALA D 134 -13.37 7.51 44.98
N PRO D 135 -12.81 8.60 45.50
CA PRO D 135 -11.48 8.53 46.11
C PRO D 135 -11.52 7.69 47.39
N SER D 136 -10.50 6.87 47.59
CA SER D 136 -10.49 5.97 48.76
C SER D 136 -10.06 6.63 50.07
N GLY D 143 -1.24 12.12 50.68
CA GLY D 143 -0.73 13.18 49.82
C GLY D 143 -1.57 13.43 48.59
N THR D 144 -1.60 12.44 47.69
CA THR D 144 -2.38 12.46 46.46
C THR D 144 -3.46 11.39 46.45
N ALA D 145 -4.63 11.76 45.93
CA ALA D 145 -5.76 10.85 45.79
C ALA D 145 -6.20 10.84 44.33
N ALA D 146 -6.73 9.71 43.90
CA ALA D 146 -7.26 9.57 42.55
C ALA D 146 -8.77 9.40 42.65
N LEU D 147 -9.49 10.02 41.70
CA LEU D 147 -10.93 9.88 41.60
C LEU D 147 -11.27 9.97 40.13
N GLY D 148 -12.51 9.62 39.79
CA GLY D 148 -12.85 9.62 38.40
C GLY D 148 -14.32 9.36 38.17
N CYS D 149 -14.63 9.19 36.89
CA CYS D 149 -15.96 8.84 36.42
CA CYS D 149 -15.95 8.75 36.51
C CYS D 149 -15.86 7.73 35.39
N LEU D 150 -16.73 6.75 35.48
CA LEU D 150 -16.87 5.66 34.52
C LEU D 150 -18.08 5.96 33.68
N VAL D 151 -17.86 6.14 32.39
CA VAL D 151 -18.92 6.47 31.43
C VAL D 151 -19.23 5.20 30.66
N LYS D 152 -20.32 4.54 31.02
CA LYS D 152 -20.52 3.16 30.63
C LYS D 152 -21.70 3.00 29.71
N ASP D 153 -21.50 2.14 28.70
CA ASP D 153 -22.55 1.56 27.87
C ASP D 153 -23.21 2.58 26.96
N TYR D 154 -22.45 3.12 26.02
CA TYR D 154 -22.99 4.06 25.04
C TYR D 154 -22.64 3.64 23.63
N PHE D 155 -23.36 4.22 22.67
CA PHE D 155 -23.13 3.98 21.26
C PHE D 155 -23.81 5.09 20.47
N PRO D 156 -23.22 5.57 19.37
CA PRO D 156 -21.88 5.37 18.85
C PRO D 156 -20.89 6.26 19.65
N GLU D 157 -19.61 6.21 19.27
CA GLU D 157 -18.64 7.18 19.81
C GLU D 157 -19.14 8.52 19.24
N PRO D 158 -18.77 9.74 19.71
CA PRO D 158 -17.84 9.94 20.82
C PRO D 158 -18.49 10.43 22.09
N VAL D 159 -17.76 10.29 23.18
CA VAL D 159 -18.01 10.95 24.46
C VAL D 159 -16.89 11.93 24.73
N THR D 160 -17.23 13.08 25.30
CA THR D 160 -16.23 13.98 25.88
C THR D 160 -16.44 14.10 27.37
N VAL D 161 -15.33 14.27 28.10
CA VAL D 161 -15.34 14.49 29.54
C VAL D 161 -14.45 15.67 29.88
N SER D 162 -14.95 16.55 30.75
CA SER D 162 -14.14 17.57 31.38
C SER D 162 -14.36 17.49 32.88
N TRP D 163 -13.56 18.22 33.64
CA TRP D 163 -13.67 18.28 35.09
C TRP D 163 -13.87 19.72 35.53
N ASN D 164 -14.86 19.93 36.38
CA ASN D 164 -15.18 21.25 36.95
C ASN D 164 -15.34 22.28 35.83
N SER D 165 -16.09 21.88 34.80
CA SER D 165 -16.42 22.72 33.64
C SER D 165 -15.20 23.28 32.94
N GLY D 166 -14.11 22.52 32.94
CA GLY D 166 -12.88 22.90 32.27
C GLY D 166 -11.86 23.57 33.16
N ALA D 167 -12.24 23.90 34.39
CA ALA D 167 -11.35 24.57 35.34
C ALA D 167 -10.30 23.65 35.93
N LEU D 168 -10.50 22.33 35.86
CA LEU D 168 -9.56 21.35 36.36
C LEU D 168 -9.01 20.59 35.18
N THR D 169 -7.73 20.80 34.89
CA THR D 169 -7.07 20.12 33.78
C THR D 169 -5.81 19.42 34.24
N SER D 170 -5.17 19.94 35.27
CA SER D 170 -3.94 19.31 35.76
C SER D 170 -4.27 17.95 36.36
N GLY D 171 -3.51 16.93 35.97
CA GLY D 171 -3.69 15.62 36.54
C GLY D 171 -4.83 14.82 35.97
N VAL D 172 -5.47 15.30 34.93
CA VAL D 172 -6.59 14.63 34.29
C VAL D 172 -6.08 13.65 33.26
N HIS D 173 -6.64 12.45 33.26
CA HIS D 173 -6.40 11.44 32.21
C HIS D 173 -7.74 10.91 31.76
N THR D 174 -8.11 11.16 30.52
CA THR D 174 -9.35 10.63 29.97
C THR D 174 -8.95 9.56 28.96
N PHE D 175 -9.30 8.33 29.23
CA PHE D 175 -8.82 7.17 28.50
C PHE D 175 -9.60 6.99 27.19
N PRO D 176 -8.97 6.46 26.17
CA PRO D 176 -9.74 6.08 24.98
C PRO D 176 -10.85 5.11 25.33
N ALA D 177 -11.94 5.23 24.58
CA ALA D 177 -13.04 4.30 24.76
C ALA D 177 -12.62 2.89 24.38
N VAL D 178 -13.23 1.93 25.06
CA VAL D 178 -13.09 0.51 24.77
CA VAL D 178 -13.09 0.51 24.78
C VAL D 178 -14.44 0.00 24.29
N LEU D 179 -14.44 -0.77 23.20
CA LEU D 179 -15.65 -1.45 22.76
C LEU D 179 -15.80 -2.74 23.57
N GLN D 180 -16.88 -2.84 24.31
CA GLN D 180 -17.14 -3.99 25.16
C GLN D 180 -17.68 -5.15 24.34
N SER D 181 -17.59 -6.35 24.92
CA SER D 181 -18.09 -7.52 24.22
C SER D 181 -19.57 -7.40 23.91
N SER D 182 -20.29 -6.59 24.68
CA SER D 182 -21.70 -6.30 24.44
C SER D 182 -21.96 -5.45 23.19
N GLY D 183 -20.93 -4.85 22.61
CA GLY D 183 -21.10 -3.96 21.49
C GLY D 183 -21.30 -2.51 21.85
N LEU D 184 -21.25 -2.18 23.12
CA LEU D 184 -21.34 -0.81 23.61
C LEU D 184 -19.97 -0.36 24.08
N TYR D 185 -19.74 0.96 24.02
CA TYR D 185 -18.49 1.53 24.47
C TYR D 185 -18.55 1.85 25.95
N SER D 186 -17.36 1.92 26.54
CA SER D 186 -17.19 2.44 27.89
C SER D 186 -15.87 3.21 27.92
N LEU D 187 -15.82 4.26 28.75
CA LEU D 187 -14.52 4.81 29.05
C LEU D 187 -14.52 5.42 30.44
N SER D 188 -13.32 5.62 30.94
CA SER D 188 -13.13 6.24 32.23
CA SER D 188 -13.14 6.24 32.23
C SER D 188 -12.30 7.51 32.08
N SER D 189 -12.56 8.45 32.98
CA SER D 189 -11.76 9.65 33.13
C SER D 189 -11.38 9.75 34.59
N VAL D 190 -10.10 10.03 34.87
CA VAL D 190 -9.60 10.11 36.23
C VAL D 190 -8.84 11.41 36.41
N VAL D 191 -8.67 11.80 37.68
CA VAL D 191 -7.84 12.95 38.03
C VAL D 191 -7.20 12.67 39.38
N THR D 192 -5.96 13.14 39.54
CA THR D 192 -5.27 13.04 40.81
C THR D 192 -5.28 14.43 41.43
N VAL D 193 -5.61 14.47 42.71
CA VAL D 193 -5.79 15.74 43.41
C VAL D 193 -5.19 15.62 44.80
N PRO D 194 -4.97 16.74 45.47
CA PRO D 194 -4.45 16.67 46.84
C PRO D 194 -5.47 16.03 47.78
N SER D 195 -4.99 15.07 48.58
CA SER D 195 -5.88 14.40 49.53
C SER D 195 -6.54 15.40 50.46
N SER D 196 -5.82 16.47 50.84
CA SER D 196 -6.38 17.48 51.74
C SER D 196 -7.61 18.18 51.16
N SER D 197 -7.76 18.21 49.84
CA SER D 197 -8.91 18.85 49.23
C SER D 197 -10.18 18.01 49.32
N LEU D 198 -10.06 16.74 49.68
CA LEU D 198 -11.22 15.85 49.58
C LEU D 198 -12.27 16.26 50.58
N GLY D 199 -13.52 16.35 50.13
CA GLY D 199 -14.62 16.73 50.98
C GLY D 199 -14.82 18.22 51.12
N THR D 200 -13.82 19.02 50.73
CA THR D 200 -13.91 20.47 50.69
C THR D 200 -14.05 20.99 49.27
N GLN D 201 -13.12 20.62 48.38
CA GLN D 201 -13.23 21.00 46.98
C GLN D 201 -14.19 20.07 46.27
N THR D 202 -15.13 20.64 45.54
CA THR D 202 -16.08 19.86 44.77
C THR D 202 -15.43 19.45 43.45
N TYR D 203 -15.60 18.17 43.11
CA TYR D 203 -15.10 17.60 41.86
C TYR D 203 -16.28 17.08 41.06
N ILE D 204 -16.49 17.65 39.88
CA ILE D 204 -17.60 17.32 39.01
C ILE D 204 -17.07 16.89 37.65
N CYS D 205 -17.45 15.69 37.20
CA CYS D 205 -17.14 15.29 35.84
CA CYS D 205 -17.17 15.22 35.85
C CYS D 205 -18.31 15.64 34.94
N ASN D 206 -17.98 16.37 33.87
CA ASN D 206 -18.93 16.87 32.88
C ASN D 206 -18.85 15.94 31.68
N VAL D 207 -19.90 15.17 31.45
CA VAL D 207 -19.94 14.17 30.39
C VAL D 207 -20.94 14.60 29.31
N ASN D 208 -20.54 14.50 28.03
CA ASN D 208 -21.39 14.93 26.88
C ASN D 208 -21.37 13.87 25.77
N HIS D 209 -22.46 13.09 25.58
CA HIS D 209 -22.60 12.14 24.51
C HIS D 209 -23.60 12.76 23.54
N LYS D 210 -23.09 13.62 22.64
CA LYS D 210 -23.97 14.33 21.72
C LYS D 210 -24.80 13.42 20.85
N PRO D 211 -24.34 12.22 20.42
CA PRO D 211 -25.21 11.38 19.60
C PRO D 211 -26.54 11.02 20.24
N SER D 212 -26.60 10.95 21.57
CA SER D 212 -27.86 10.71 22.27
C SER D 212 -28.39 11.94 22.98
N ASN D 213 -27.77 13.09 22.77
CA ASN D 213 -28.10 14.32 23.48
C ASN D 213 -28.12 14.09 24.99
N THR D 214 -27.14 13.31 25.47
CA THR D 214 -26.98 13.04 26.90
C THR D 214 -25.89 13.99 27.42
N LYS D 215 -26.23 14.80 28.41
CA LYS D 215 -25.25 15.66 29.04
C LYS D 215 -25.45 15.58 30.55
N VAL D 216 -24.39 15.23 31.28
CA VAL D 216 -24.48 14.97 32.71
C VAL D 216 -23.32 15.64 33.43
N ASP D 217 -23.60 16.28 34.55
CA ASP D 217 -22.57 16.78 35.46
C ASP D 217 -22.69 15.97 36.75
N LYS D 218 -21.68 15.18 37.08
CA LYS D 218 -21.74 14.20 38.17
C LYS D 218 -20.76 14.62 39.25
N LYS D 219 -21.24 14.86 40.46
CA LYS D 219 -20.34 15.11 41.58
C LYS D 219 -19.73 13.80 42.06
N VAL D 220 -18.40 13.78 42.22
CA VAL D 220 -17.69 12.60 42.72
C VAL D 220 -17.21 12.91 44.13
N GLU D 221 -17.70 12.12 45.08
CA GLU D 221 -17.52 12.37 46.49
C GLU D 221 -16.74 11.25 47.12
N PRO D 222 -15.97 11.51 48.18
CA PRO D 222 -15.48 10.39 49.00
C PRO D 222 -16.69 9.63 49.52
S SO4 E . -5.10 -8.35 -9.94
O1 SO4 E . -5.79 -7.38 -9.06
O2 SO4 E . -4.26 -9.23 -9.11
O3 SO4 E . -4.27 -7.60 -10.90
O4 SO4 E . -6.08 -9.14 -10.70
S SO4 F . 17.44 -4.38 -58.49
O1 SO4 F . 16.57 -5.41 -57.92
O2 SO4 F . 18.19 -3.72 -57.43
O3 SO4 F . 18.37 -5.00 -59.43
O4 SO4 F . 16.61 -3.39 -59.19
S SO4 G . 14.76 -37.14 -3.45
O1 SO4 G . 14.35 -38.53 -3.35
O2 SO4 G . 14.63 -36.50 -2.14
O3 SO4 G . 16.15 -37.05 -3.90
O4 SO4 G . 13.91 -36.43 -4.40
NA NA H . 6.44 -11.00 -44.88
S SO4 I . 13.88 12.69 -9.75
O1 SO4 I . 14.32 11.29 -9.81
O2 SO4 I . 14.19 13.25 -8.43
O3 SO4 I . 14.55 13.49 -10.78
O4 SO4 I . 12.44 12.70 -9.96
S SO4 J . -0.22 -0.62 -11.85
O1 SO4 J . -0.50 -2.04 -11.69
O2 SO4 J . 0.04 -0.01 -10.54
O3 SO4 J . 0.95 -0.43 -12.71
O4 SO4 J . -1.38 0.01 -12.47
LI LI K . 24.58 8.05 -19.54
CL CL L . 11.78 -25.76 10.81
S SO4 M . -0.14 21.89 15.78
O1 SO4 M . -0.88 21.13 16.82
O2 SO4 M . 1.29 21.79 16.07
O3 SO4 M . -0.41 21.33 14.46
O4 SO4 M . -0.54 23.31 15.81
S SO4 N . -7.90 16.24 -14.60
O1 SO4 N . -8.66 15.72 -13.51
O2 SO4 N . -6.61 16.62 -14.12
O3 SO4 N . -8.57 17.38 -15.15
O4 SO4 N . -7.77 15.22 -15.59
LI LI O . -7.15 32.31 -2.92
#